data_1FR6
#
_entry.id   1FR6
#
_cell.length_a   98.07
_cell.length_b   84.63
_cell.length_c   89.77
_cell.angle_alpha   90.00
_cell.angle_beta   90.00
_cell.angle_gamma   90.00
#
_symmetry.space_group_name_H-M   'P 21 21 21'
#
loop_
_entity.id
_entity.type
_entity.pdbx_description
1 polymer BETA-LACTAMASE
2 non-polymer '2-({[(1Z)-1-(2-amino-1,3-thiazol-4-yl)-2-oxo-2-{[(2S,3S)-1-oxo-3-(sulfoamino)butan-2-yl]amino}ethylidene]amino}oxy)-2-methylpropanoic acid'
3 water water
#
_entity_poly.entity_id   1
_entity_poly.type   'polypeptide(L)'
_entity_poly.pdbx_seq_one_letter_code
;AAKTEQQIADIVNRTITPLMQEQAIPGMAVAIIYQGKPYYFTWGKADIANNRPVTQQTLFELGSVSKTFNGVLGGDAIAR
GEIKLSDPVTQYWPELTGKQWQGISLLHLATYTAGGLPLQVPDDVTDKAALLRFYQNWQPQWAPGAKRLYANSSIGLFGA
LAVKPSGMSYEEAMSKRVLHPLKLAHTWITVPQSEQKDYAWGYREGKPVHVSPGQLDAEAYGVKSSVIDMTRWVQANMDA
SQVQEKTLQQGIELAQSRYWRIGDMYQGLGWEMLNWPVKADSIISGSDSKVALAALPAVEVNPPAPAVKASWVHKTGSTG
GFGSYVAFVPEKNLGIVMLANKSYPNPVRVEAAWRILEKLQ
;
_entity_poly.pdbx_strand_id   A,B
#
loop_
_chem_comp.id
_chem_comp.type
_chem_comp.name
_chem_comp.formula
AZR non-polymer '2-({[(1Z)-1-(2-amino-1,3-thiazol-4-yl)-2-oxo-2-{[(2S,3S)-1-oxo-3-(sulfoamino)butan-2-yl]amino}ethylidene]amino}oxy)-2-methylpropanoic acid' 'C13 H19 N5 O8 S2'
#
# COMPACT_ATOMS: atom_id res chain seq x y z
N ALA A 1 -39.56 1.90 -24.03
CA ALA A 1 -40.30 3.05 -23.49
C ALA A 1 -39.43 3.81 -22.48
N ALA A 2 -39.58 5.13 -22.58
CA ALA A 2 -38.84 6.06 -21.71
C ALA A 2 -39.25 5.72 -20.26
N LYS A 3 -38.29 5.19 -19.54
CA LYS A 3 -38.49 4.80 -18.13
C LYS A 3 -38.90 6.01 -17.31
N THR A 4 -39.71 5.69 -16.33
CA THR A 4 -40.28 6.66 -15.36
C THR A 4 -39.42 6.62 -14.13
N GLU A 5 -39.29 7.72 -13.37
CA GLU A 5 -38.44 7.71 -12.20
C GLU A 5 -38.73 6.47 -11.33
N GLN A 6 -39.98 6.13 -11.14
CA GLN A 6 -40.30 4.94 -10.31
C GLN A 6 -39.87 3.61 -10.88
N GLN A 7 -39.72 3.48 -12.19
CA GLN A 7 -39.27 2.19 -12.75
C GLN A 7 -37.74 2.20 -12.60
N ILE A 8 -37.18 3.40 -12.73
CA ILE A 8 -35.75 3.63 -12.60
C ILE A 8 -35.43 3.36 -11.11
N ALA A 9 -36.30 3.94 -10.29
CA ALA A 9 -36.13 3.75 -8.82
C ALA A 9 -36.17 2.27 -8.58
N ASP A 10 -37.05 1.51 -9.19
CA ASP A 10 -37.15 0.04 -8.98
C ASP A 10 -35.89 -0.78 -9.23
N ILE A 11 -35.19 -0.56 -10.29
CA ILE A 11 -33.96 -1.21 -10.72
C ILE A 11 -32.82 -0.98 -9.73
N VAL A 12 -32.56 0.30 -9.54
CA VAL A 12 -31.51 0.82 -8.64
C VAL A 12 -31.72 0.27 -7.24
N ASN A 13 -32.96 0.39 -6.76
CA ASN A 13 -33.26 -0.10 -5.41
C ASN A 13 -33.11 -1.63 -5.42
N ARG A 14 -33.63 -2.19 -6.51
CA ARG A 14 -33.56 -3.66 -6.63
C ARG A 14 -32.11 -4.10 -6.54
N THR A 15 -31.19 -3.56 -7.29
CA THR A 15 -29.80 -3.92 -7.30
C THR A 15 -28.91 -3.58 -6.12
N ILE A 16 -28.92 -2.37 -5.67
CA ILE A 16 -28.12 -1.86 -4.58
C ILE A 16 -28.55 -2.36 -3.23
N THR A 17 -29.85 -2.55 -3.10
CA THR A 17 -30.41 -3.05 -1.79
C THR A 17 -29.57 -4.20 -1.30
N PRO A 18 -29.60 -5.32 -1.97
CA PRO A 18 -28.81 -6.49 -1.59
C PRO A 18 -27.32 -6.29 -1.60
N LEU A 19 -26.76 -5.39 -2.39
CA LEU A 19 -25.28 -5.24 -2.39
C LEU A 19 -24.77 -4.80 -1.04
N MET A 20 -25.20 -3.60 -0.64
CA MET A 20 -24.88 -2.96 0.62
C MET A 20 -25.02 -3.96 1.77
N GLN A 21 -26.12 -4.71 1.64
CA GLN A 21 -26.58 -5.74 2.54
C GLN A 21 -25.57 -6.84 2.79
N GLU A 22 -25.09 -7.43 1.72
CA GLU A 22 -24.12 -8.52 1.79
C GLU A 22 -22.70 -8.08 1.74
N GLN A 23 -22.46 -6.84 1.28
CA GLN A 23 -21.03 -6.39 1.23
C GLN A 23 -20.80 -5.65 2.56
N ALA A 24 -21.91 -5.51 3.28
CA ALA A 24 -21.89 -4.84 4.58
C ALA A 24 -21.45 -3.38 4.51
N ILE A 25 -22.03 -2.64 3.59
CA ILE A 25 -21.73 -1.23 3.37
C ILE A 25 -22.68 -0.32 4.18
N PRO A 26 -22.05 0.64 4.84
CA PRO A 26 -22.71 1.61 5.70
C PRO A 26 -23.55 2.63 4.98
N GLY A 27 -22.96 3.29 4.00
CA GLY A 27 -23.63 4.29 3.18
C GLY A 27 -23.18 4.19 1.72
N MET A 28 -24.12 4.56 0.85
CA MET A 28 -23.94 4.57 -0.59
C MET A 28 -24.70 5.77 -1.23
N ALA A 29 -24.06 6.20 -2.29
CA ALA A 29 -24.49 7.31 -3.14
C ALA A 29 -24.28 6.84 -4.58
N VAL A 30 -25.36 6.78 -5.31
CA VAL A 30 -25.40 6.34 -6.69
C VAL A 30 -26.22 7.31 -7.55
N ALA A 31 -25.77 7.52 -8.74
CA ALA A 31 -26.47 8.40 -9.70
C ALA A 31 -26.51 7.71 -11.07
N ILE A 32 -27.65 7.83 -11.68
CA ILE A 32 -28.00 7.32 -12.99
C ILE A 32 -28.33 8.52 -13.85
N ILE A 33 -27.86 8.46 -15.05
CA ILE A 33 -28.06 9.47 -16.12
C ILE A 33 -28.78 8.54 -17.16
N TYR A 34 -30.06 8.80 -17.24
CA TYR A 34 -30.96 8.06 -18.14
C TYR A 34 -31.47 9.04 -19.17
N GLN A 35 -30.85 9.04 -20.33
CA GLN A 35 -31.25 9.96 -21.41
C GLN A 35 -30.85 11.37 -20.95
N GLY A 36 -29.56 11.43 -20.57
CA GLY A 36 -28.86 12.61 -20.10
C GLY A 36 -29.60 13.40 -19.05
N LYS A 37 -30.40 12.77 -18.23
CA LYS A 37 -31.15 13.42 -17.16
C LYS A 37 -30.66 12.71 -15.89
N PRO A 38 -30.20 13.48 -14.94
CA PRO A 38 -29.70 12.93 -13.68
C PRO A 38 -30.79 12.55 -12.69
N TYR A 39 -30.57 11.37 -12.12
CA TYR A 39 -31.48 10.78 -11.10
C TYR A 39 -30.58 10.28 -9.96
N TYR A 40 -30.70 10.89 -8.78
CA TYR A 40 -29.92 10.59 -7.62
C TYR A 40 -30.48 9.73 -6.53
N PHE A 41 -29.64 8.83 -6.00
CA PHE A 41 -30.10 7.94 -4.91
C PHE A 41 -29.06 7.89 -3.80
N THR A 42 -29.46 7.77 -2.55
CA THR A 42 -28.55 7.70 -1.43
C THR A 42 -29.13 6.87 -0.29
N TRP A 43 -28.31 5.97 0.20
CA TRP A 43 -28.63 5.04 1.26
C TRP A 43 -27.60 4.98 2.40
N GLY A 44 -28.06 4.81 3.62
CA GLY A 44 -27.23 4.69 4.79
C GLY A 44 -26.66 5.96 5.31
N LYS A 45 -25.51 5.82 5.98
CA LYS A 45 -24.84 6.97 6.59
C LYS A 45 -23.37 7.15 6.17
N ALA A 46 -23.04 8.43 6.34
CA ALA A 46 -21.74 9.01 6.04
C ALA A 46 -20.91 8.85 7.33
N ASP A 47 -21.61 8.84 8.44
CA ASP A 47 -20.99 8.70 9.78
C ASP A 47 -21.79 7.78 10.71
N ILE A 48 -21.37 6.52 10.71
CA ILE A 48 -22.00 5.44 11.52
C ILE A 48 -22.25 6.02 12.91
N ALA A 49 -21.21 6.26 13.65
CA ALA A 49 -21.08 6.78 14.95
C ALA A 49 -21.85 8.05 15.31
N ASN A 50 -21.71 9.08 14.49
CA ASN A 50 -22.41 10.35 14.73
C ASN A 50 -23.75 10.42 14.02
N ASN A 51 -24.34 9.30 13.72
CA ASN A 51 -25.59 9.07 13.07
C ASN A 51 -25.97 10.16 12.08
N ARG A 52 -25.15 10.30 11.06
CA ARG A 52 -25.35 11.29 9.98
C ARG A 52 -25.40 10.43 8.70
N PRO A 53 -26.43 10.65 7.90
CA PRO A 53 -26.63 9.90 6.68
C PRO A 53 -25.98 10.41 5.41
N VAL A 54 -26.10 9.51 4.42
CA VAL A 54 -25.58 9.78 3.05
C VAL A 54 -26.58 10.81 2.44
N THR A 55 -25.97 11.92 2.13
CA THR A 55 -26.64 13.09 1.56
C THR A 55 -26.15 13.23 0.12
N GLN A 56 -26.89 14.00 -0.64
CA GLN A 56 -26.58 14.31 -2.04
C GLN A 56 -25.47 15.39 -2.10
N GLN A 57 -24.87 15.75 -1.02
CA GLN A 57 -23.82 16.67 -0.82
C GLN A 57 -22.62 15.98 -0.11
N THR A 58 -22.85 14.79 0.37
CA THR A 58 -21.83 14.01 1.06
C THR A 58 -20.63 13.82 0.12
N LEU A 59 -19.48 13.98 0.72
CA LEU A 59 -18.19 13.87 0.01
C LEU A 59 -17.64 12.44 0.17
N PHE A 60 -17.31 11.83 -0.93
CA PHE A 60 -16.77 10.47 -0.95
C PHE A 60 -15.36 10.51 -1.54
N GLU A 61 -14.49 9.69 -1.03
CA GLU A 61 -13.10 9.62 -1.57
C GLU A 61 -13.24 8.85 -2.87
N LEU A 62 -12.76 9.33 -3.98
CA LEU A 62 -12.89 8.63 -5.28
C LEU A 62 -11.81 7.63 -5.61
N GLY A 63 -10.84 7.56 -4.73
CA GLY A 63 -9.73 6.60 -4.91
C GLY A 63 -9.18 6.89 -6.29
N SER A 64 -8.95 5.86 -7.08
CA SER A 64 -8.42 5.99 -8.42
C SER A 64 -9.34 6.60 -9.44
N VAL A 65 -10.55 7.02 -9.10
CA VAL A 65 -11.39 7.69 -10.16
C VAL A 65 -10.74 9.06 -10.34
N SER A 66 -9.97 9.41 -9.27
CA SER A 66 -9.17 10.62 -9.24
C SER A 66 -8.43 10.65 -10.60
N LYS A 67 -7.86 9.56 -11.04
CA LYS A 67 -7.10 9.51 -12.30
C LYS A 67 -7.77 10.14 -13.47
N THR A 68 -9.09 10.07 -13.59
CA THR A 68 -9.80 10.70 -14.77
C THR A 68 -9.49 12.20 -14.87
N PHE A 69 -9.49 12.86 -13.71
CA PHE A 69 -9.18 14.25 -13.52
C PHE A 69 -7.73 14.61 -13.99
N ASN A 70 -6.81 13.80 -13.59
CA ASN A 70 -5.39 13.86 -13.86
C ASN A 70 -5.21 13.86 -15.38
N GLY A 71 -5.89 12.90 -15.99
CA GLY A 71 -5.85 12.73 -17.46
C GLY A 71 -6.48 13.84 -18.22
N VAL A 72 -7.58 14.41 -17.71
CA VAL A 72 -8.26 15.54 -18.43
C VAL A 72 -7.41 16.82 -18.24
N LEU A 73 -6.87 16.96 -17.06
CA LEU A 73 -6.02 18.05 -16.67
C LEU A 73 -4.81 18.00 -17.62
N GLY A 74 -4.27 16.80 -17.80
CA GLY A 74 -3.10 16.68 -18.71
C GLY A 74 -3.48 17.00 -20.15
N GLY A 75 -4.71 16.68 -20.52
CA GLY A 75 -5.24 16.90 -21.86
C GLY A 75 -5.47 18.36 -22.16
N ASP A 76 -5.89 19.09 -21.12
CA ASP A 76 -6.12 20.58 -21.28
C ASP A 76 -4.72 21.14 -21.60
N ALA A 77 -3.76 20.87 -20.72
CA ALA A 77 -2.38 21.31 -20.88
C ALA A 77 -1.81 20.93 -22.24
N ILE A 78 -2.22 19.76 -22.77
CA ILE A 78 -1.74 19.32 -24.06
C ILE A 78 -2.34 20.28 -25.13
N ALA A 79 -3.62 20.45 -25.09
CA ALA A 79 -4.33 21.30 -26.05
C ALA A 79 -3.73 22.67 -26.13
N ARG A 80 -3.38 23.20 -24.96
CA ARG A 80 -2.79 24.54 -24.85
C ARG A 80 -1.38 24.56 -25.43
N GLY A 81 -0.83 23.46 -25.85
CA GLY A 81 0.48 23.27 -26.40
C GLY A 81 1.56 23.45 -25.30
N GLU A 82 1.21 23.15 -24.08
CA GLU A 82 2.10 23.29 -22.93
C GLU A 82 3.02 22.10 -22.77
N ILE A 83 2.52 20.91 -23.08
CA ILE A 83 3.21 19.64 -23.03
C ILE A 83 2.83 18.87 -24.32
N LYS A 84 3.49 17.78 -24.53
CA LYS A 84 3.31 16.87 -25.67
C LYS A 84 3.43 15.42 -25.23
N LEU A 85 2.50 14.54 -25.45
CA LEU A 85 2.73 13.15 -24.99
C LEU A 85 4.11 12.65 -25.32
N SER A 86 4.58 12.92 -26.55
CA SER A 86 5.92 12.45 -26.92
C SER A 86 7.04 13.08 -26.16
N ASP A 87 6.96 14.14 -25.45
CA ASP A 87 8.04 14.77 -24.69
C ASP A 87 8.78 13.84 -23.72
N PRO A 88 10.10 13.94 -23.78
CA PRO A 88 11.00 13.13 -22.93
C PRO A 88 10.72 13.55 -21.50
N VAL A 89 10.69 12.58 -20.60
CA VAL A 89 10.38 12.75 -19.18
C VAL A 89 11.38 13.69 -18.47
N THR A 90 12.56 13.64 -19.06
CA THR A 90 13.72 14.40 -18.60
C THR A 90 13.37 15.84 -18.79
N GLN A 91 12.81 16.20 -19.92
CA GLN A 91 12.44 17.60 -20.22
C GLN A 91 11.77 18.31 -19.04
N TYR A 92 10.90 17.59 -18.35
CA TYR A 92 10.18 18.14 -17.20
C TYR A 92 10.82 18.02 -15.89
N TRP A 93 11.80 17.14 -15.78
CA TRP A 93 12.52 16.88 -14.53
C TRP A 93 13.94 16.48 -14.91
N PRO A 94 14.71 17.52 -15.21
CA PRO A 94 16.12 17.36 -15.61
C PRO A 94 16.94 16.78 -14.50
N GLU A 95 16.65 17.09 -13.26
CA GLU A 95 17.34 16.61 -12.05
C GLU A 95 17.40 15.09 -11.98
N LEU A 96 16.45 14.43 -12.58
CA LEU A 96 16.22 13.03 -12.72
C LEU A 96 17.09 12.34 -13.79
N THR A 97 18.33 12.18 -13.42
CA THR A 97 19.47 11.58 -14.05
C THR A 97 19.36 10.04 -14.13
N GLY A 98 19.95 9.48 -15.17
CA GLY A 98 19.94 8.05 -15.38
C GLY A 98 19.29 7.53 -16.62
N LYS A 99 20.06 6.88 -17.46
CA LYS A 99 19.79 6.25 -18.71
C LYS A 99 18.58 5.36 -18.82
N GLN A 100 17.98 4.98 -17.72
CA GLN A 100 16.77 4.11 -17.74
C GLN A 100 15.59 4.97 -18.25
N TRP A 101 15.72 6.27 -18.09
CA TRP A 101 14.76 7.27 -18.45
C TRP A 101 14.79 7.87 -19.83
N GLN A 102 15.88 7.79 -20.50
CA GLN A 102 16.07 8.35 -21.86
C GLN A 102 14.96 8.03 -22.85
N GLY A 103 14.54 6.83 -23.10
CA GLY A 103 13.47 6.58 -24.07
C GLY A 103 12.03 6.57 -23.64
N ILE A 104 11.76 7.03 -22.45
CA ILE A 104 10.53 7.17 -21.74
C ILE A 104 9.93 8.56 -21.84
N SER A 105 8.87 8.71 -22.55
CA SER A 105 8.11 9.90 -22.85
C SER A 105 6.94 10.08 -21.92
N LEU A 106 6.21 11.18 -22.21
CA LEU A 106 5.02 11.49 -21.36
C LEU A 106 3.94 10.49 -21.56
N LEU A 107 3.80 9.92 -22.72
CA LEU A 107 2.75 8.88 -23.00
C LEU A 107 3.01 7.68 -22.09
N HIS A 108 4.28 7.27 -21.98
CA HIS A 108 4.60 6.13 -21.11
C HIS A 108 4.08 6.29 -19.69
N LEU A 109 4.37 7.40 -19.08
CA LEU A 109 3.99 7.77 -17.72
C LEU A 109 2.46 7.79 -17.67
N ALA A 110 1.90 8.70 -18.44
CA ALA A 110 0.43 8.78 -18.45
C ALA A 110 -0.23 7.38 -18.46
N THR A 111 0.10 6.61 -19.49
CA THR A 111 -0.47 5.30 -19.73
C THR A 111 0.09 4.07 -19.16
N TYR A 112 0.88 4.09 -18.13
CA TYR A 112 1.48 2.97 -17.43
C TYR A 112 2.31 1.97 -18.25
N THR A 113 2.94 2.38 -19.31
CA THR A 113 3.76 1.55 -20.15
C THR A 113 5.21 2.08 -20.18
N ALA A 114 5.75 2.45 -19.03
CA ALA A 114 7.11 2.98 -18.96
C ALA A 114 8.16 1.86 -18.90
N GLY A 115 7.82 0.74 -18.23
CA GLY A 115 8.74 -0.37 -18.09
C GLY A 115 8.59 -1.08 -16.77
N GLY A 116 7.38 -0.92 -16.20
CA GLY A 116 7.00 -1.54 -14.92
C GLY A 116 7.35 -0.66 -13.75
N LEU A 117 6.67 0.47 -13.72
CA LEU A 117 6.89 1.45 -12.56
C LEU A 117 5.89 0.77 -11.60
N PRO A 118 6.19 0.78 -10.33
CA PRO A 118 5.34 0.10 -9.37
C PRO A 118 3.98 0.72 -9.20
N LEU A 119 3.09 -0.15 -8.71
CA LEU A 119 1.70 0.16 -8.42
C LEU A 119 1.62 1.29 -7.40
N GLN A 120 2.52 1.25 -6.41
CA GLN A 120 2.55 2.31 -5.40
C GLN A 120 4.03 2.70 -5.19
N VAL A 121 4.24 3.83 -4.58
CA VAL A 121 5.55 4.37 -4.23
C VAL A 121 5.80 3.77 -2.82
N PRO A 122 6.99 3.25 -2.65
CA PRO A 122 7.33 2.65 -1.30
C PRO A 122 7.07 3.75 -0.29
N ASP A 123 6.02 3.66 0.49
CA ASP A 123 5.66 4.65 1.50
C ASP A 123 6.75 4.96 2.53
N ASP A 124 7.99 4.59 2.32
CA ASP A 124 9.18 4.82 3.08
C ASP A 124 9.94 5.97 2.28
N VAL A 125 9.15 6.41 1.34
CA VAL A 125 9.41 7.48 0.38
C VAL A 125 8.29 8.47 0.78
N THR A 126 8.65 9.30 1.75
CA THR A 126 7.67 10.28 2.26
C THR A 126 8.05 11.72 2.12
N ASP A 127 8.92 12.01 1.21
CA ASP A 127 9.40 13.38 0.93
C ASP A 127 9.79 13.37 -0.55
N LYS A 128 10.08 14.54 -1.08
CA LYS A 128 10.44 14.60 -2.53
C LYS A 128 11.90 14.28 -2.72
N ALA A 129 12.67 14.46 -1.69
CA ALA A 129 14.12 14.15 -1.71
C ALA A 129 14.17 12.65 -2.01
N ALA A 130 13.28 11.93 -1.34
CA ALA A 130 13.15 10.48 -1.51
C ALA A 130 12.46 10.06 -2.80
N LEU A 131 11.54 10.82 -3.35
CA LEU A 131 10.85 10.44 -4.60
C LEU A 131 11.82 10.44 -5.79
N LEU A 132 12.80 11.33 -5.73
CA LEU A 132 13.80 11.37 -6.84
C LEU A 132 14.72 10.15 -6.78
N ARG A 133 15.23 9.83 -5.57
CA ARG A 133 16.13 8.69 -5.28
C ARG A 133 15.49 7.41 -5.85
N PHE A 134 14.21 7.29 -5.51
CA PHE A 134 13.33 6.22 -5.91
C PHE A 134 13.41 6.05 -7.45
N TYR A 135 13.01 7.14 -8.09
CA TYR A 135 12.99 7.20 -9.56
C TYR A 135 14.41 7.13 -10.11
N GLN A 136 15.33 7.63 -9.30
CA GLN A 136 16.75 7.61 -9.77
C GLN A 136 17.19 6.15 -9.86
N ASN A 137 16.94 5.40 -8.78
CA ASN A 137 17.36 4.00 -8.79
C ASN A 137 16.36 3.05 -9.45
N TRP A 138 15.23 3.47 -9.95
CA TRP A 138 14.31 2.43 -10.49
C TRP A 138 14.96 1.71 -11.67
N GLN A 139 14.59 0.41 -11.70
CA GLN A 139 15.01 -0.60 -12.64
C GLN A 139 13.82 -1.16 -13.42
N PRO A 140 13.79 -0.78 -14.70
CA PRO A 140 12.71 -1.21 -15.61
C PRO A 140 12.76 -2.74 -15.78
N GLN A 141 11.57 -3.29 -15.85
CA GLN A 141 11.37 -4.74 -16.04
C GLN A 141 11.40 -4.95 -17.55
N TRP A 142 10.77 -4.01 -18.28
CA TRP A 142 10.71 -4.11 -19.75
C TRP A 142 10.93 -2.75 -20.38
N ALA A 143 11.33 -2.76 -21.60
CA ALA A 143 11.59 -1.64 -22.48
C ALA A 143 10.19 -0.98 -22.59
N PRO A 144 10.20 0.28 -22.92
CA PRO A 144 8.96 1.05 -23.04
C PRO A 144 8.11 0.56 -24.19
N GLY A 145 6.82 0.66 -24.03
CA GLY A 145 5.79 0.29 -24.99
C GLY A 145 5.56 -1.19 -25.13
N ALA A 146 6.17 -1.95 -24.24
CA ALA A 146 6.09 -3.43 -24.27
C ALA A 146 4.93 -3.93 -23.45
N LYS A 147 5.03 -3.78 -22.18
CA LYS A 147 3.93 -4.23 -21.30
C LYS A 147 3.22 -3.01 -20.69
N ARG A 148 2.02 -3.29 -20.21
CA ARG A 148 1.15 -2.38 -19.55
C ARG A 148 0.98 -2.85 -18.08
N LEU A 149 1.49 -2.04 -17.15
CA LEU A 149 1.37 -2.34 -15.75
C LEU A 149 0.73 -1.24 -14.89
N TYR A 150 -0.58 -1.23 -14.75
CA TYR A 150 -1.29 -0.23 -13.94
C TYR A 150 -0.40 0.13 -12.73
N ALA A 151 -0.23 1.42 -12.48
CA ALA A 151 0.58 1.98 -11.42
C ALA A 151 0.35 3.48 -11.08
N ASN A 152 0.28 3.71 -9.79
CA ASN A 152 0.06 5.06 -9.24
C ASN A 152 1.28 5.93 -9.53
N SER A 153 2.45 5.35 -9.30
CA SER A 153 3.75 6.00 -9.50
C SER A 153 4.07 6.41 -10.92
N SER A 154 3.35 5.92 -11.90
CA SER A 154 3.46 6.13 -13.30
C SER A 154 2.66 7.42 -13.64
N ILE A 155 1.34 7.23 -13.61
CA ILE A 155 0.41 8.35 -13.88
C ILE A 155 0.59 9.48 -12.88
N GLY A 156 0.90 9.14 -11.66
CA GLY A 156 1.13 10.10 -10.56
C GLY A 156 2.23 11.07 -11.06
N LEU A 157 3.34 10.47 -11.55
CA LEU A 157 4.46 11.28 -12.05
C LEU A 157 4.03 12.09 -13.29
N PHE A 158 3.03 11.64 -14.01
CA PHE A 158 2.61 12.43 -15.21
C PHE A 158 1.94 13.75 -14.73
N GLY A 159 0.96 13.58 -13.84
CA GLY A 159 0.21 14.65 -13.29
C GLY A 159 1.10 15.78 -12.82
N ALA A 160 2.06 15.42 -12.02
CA ALA A 160 3.05 16.32 -11.41
C ALA A 160 3.93 16.97 -12.44
N LEU A 161 4.28 16.29 -13.48
CA LEU A 161 5.16 16.83 -14.51
C LEU A 161 4.43 17.70 -15.53
N ALA A 162 3.21 17.26 -15.80
CA ALA A 162 2.32 17.88 -16.76
C ALA A 162 1.84 19.27 -16.40
N VAL A 163 1.97 19.69 -15.14
CA VAL A 163 1.57 21.02 -14.71
C VAL A 163 2.81 21.91 -14.55
N LYS A 164 3.97 21.37 -14.69
CA LYS A 164 5.23 22.12 -14.53
C LYS A 164 5.26 23.40 -15.31
N PRO A 165 5.07 23.26 -16.61
CA PRO A 165 5.07 24.41 -17.52
C PRO A 165 4.31 25.59 -17.00
N SER A 166 3.04 25.45 -16.69
CA SER A 166 2.11 26.43 -16.18
C SER A 166 2.55 27.17 -14.95
N GLY A 167 3.41 26.57 -14.17
CA GLY A 167 3.88 27.26 -12.92
C GLY A 167 2.90 27.14 -11.78
N MET A 168 1.83 26.37 -11.92
CA MET A 168 0.88 26.17 -10.82
C MET A 168 1.25 24.80 -10.16
N SER A 169 0.80 24.60 -8.96
CA SER A 169 1.09 23.33 -8.28
C SER A 169 -0.07 22.50 -8.84
N TYR A 170 -0.09 21.19 -8.68
CA TYR A 170 -1.20 20.36 -9.21
C TYR A 170 -2.58 20.79 -8.73
N GLU A 171 -2.73 20.94 -7.40
CA GLU A 171 -3.99 21.34 -6.78
C GLU A 171 -4.58 22.62 -7.36
N GLU A 172 -3.71 23.57 -7.60
CA GLU A 172 -4.04 24.89 -8.17
C GLU A 172 -4.49 24.78 -9.61
N ALA A 173 -3.81 24.03 -10.46
CA ALA A 173 -4.17 23.87 -11.88
C ALA A 173 -5.53 23.20 -11.98
N MET A 174 -5.55 22.15 -11.17
CA MET A 174 -6.76 21.30 -11.08
C MET A 174 -7.97 22.20 -10.83
N SER A 175 -7.88 22.98 -9.77
CA SER A 175 -8.95 23.94 -9.36
C SER A 175 -9.40 24.93 -10.41
N LYS A 176 -8.50 25.77 -10.83
CA LYS A 176 -8.52 26.80 -11.80
C LYS A 176 -8.93 26.29 -13.17
N ARG A 177 -8.16 25.27 -13.62
CA ARG A 177 -8.43 24.71 -14.97
C ARG A 177 -9.49 23.66 -15.18
N VAL A 178 -10.02 22.95 -14.25
CA VAL A 178 -11.04 21.93 -14.51
C VAL A 178 -12.24 22.09 -13.56
N LEU A 179 -11.88 22.17 -12.28
CA LEU A 179 -12.90 22.27 -11.22
C LEU A 179 -13.69 23.55 -11.32
N HIS A 180 -13.06 24.68 -11.48
CA HIS A 180 -13.86 25.93 -11.57
C HIS A 180 -14.66 26.00 -12.81
N PRO A 181 -14.08 25.84 -13.98
CA PRO A 181 -14.82 25.89 -15.26
C PRO A 181 -16.04 25.00 -15.23
N LEU A 182 -15.94 23.78 -14.79
CA LEU A 182 -17.09 22.84 -14.74
C LEU A 182 -18.06 23.07 -13.61
N LYS A 183 -17.67 23.97 -12.70
CA LYS A 183 -18.46 24.36 -11.54
C LYS A 183 -18.54 23.15 -10.56
N LEU A 184 -17.40 22.63 -10.23
CA LEU A 184 -17.36 21.45 -9.27
C LEU A 184 -16.93 22.11 -7.98
N ALA A 185 -17.95 22.70 -7.35
CA ALA A 185 -17.83 23.45 -6.11
C ALA A 185 -17.80 22.57 -4.88
N HIS A 186 -17.98 21.30 -5.10
CA HIS A 186 -18.02 20.22 -4.12
C HIS A 186 -17.06 19.05 -4.35
N THR A 187 -16.03 19.31 -5.11
CA THR A 187 -14.95 18.45 -5.54
C THR A 187 -13.66 19.11 -5.03
N TRP A 188 -13.02 18.45 -4.11
CA TRP A 188 -11.82 18.86 -3.47
C TRP A 188 -10.73 17.76 -3.42
N ILE A 189 -9.53 18.27 -3.21
CA ILE A 189 -8.27 17.66 -3.04
C ILE A 189 -7.95 17.90 -1.53
N THR A 190 -8.12 19.14 -1.11
CA THR A 190 -7.92 19.51 0.29
C THR A 190 -9.29 20.05 0.81
N VAL A 191 -9.97 19.10 1.48
CA VAL A 191 -11.26 19.43 2.03
C VAL A 191 -11.14 20.45 3.19
N PRO A 192 -11.71 21.60 2.90
CA PRO A 192 -11.78 22.71 3.82
C PRO A 192 -12.38 22.33 5.16
N GLN A 193 -12.07 23.17 6.10
CA GLN A 193 -12.54 23.07 7.50
C GLN A 193 -14.07 23.21 7.40
N SER A 194 -14.51 24.10 6.51
CA SER A 194 -15.88 24.42 6.24
C SER A 194 -16.75 23.31 5.69
N GLU A 195 -16.13 22.30 5.07
CA GLU A 195 -16.79 21.17 4.46
C GLU A 195 -16.70 19.82 5.08
N GLN A 196 -15.92 19.70 6.12
CA GLN A 196 -15.65 18.55 6.95
C GLN A 196 -16.94 17.90 7.43
N LYS A 197 -18.00 18.69 7.54
CA LYS A 197 -19.30 18.20 8.01
C LYS A 197 -20.04 17.41 6.96
N ASP A 198 -19.53 17.37 5.75
CA ASP A 198 -20.10 16.65 4.62
C ASP A 198 -19.19 15.52 4.09
N TYR A 199 -18.06 15.44 4.71
CA TYR A 199 -17.02 14.46 4.42
C TYR A 199 -17.17 13.17 5.23
N ALA A 200 -17.66 12.15 4.53
CA ALA A 200 -17.89 10.83 5.01
C ALA A 200 -16.63 10.21 5.63
N TRP A 201 -16.87 9.21 6.38
CA TRP A 201 -15.85 8.40 7.11
C TRP A 201 -15.86 7.11 6.29
N GLY A 202 -14.71 6.62 5.93
CA GLY A 202 -14.70 5.34 5.11
C GLY A 202 -14.54 4.29 6.22
N TYR A 203 -15.18 3.17 5.98
CA TYR A 203 -15.12 2.06 6.99
C TYR A 203 -14.22 0.96 6.48
N ARG A 204 -13.44 0.46 7.44
CA ARG A 204 -12.43 -0.60 7.33
C ARG A 204 -12.39 -1.31 8.69
N GLU A 205 -12.97 -2.51 8.67
CA GLU A 205 -13.14 -3.42 9.76
C GLU A 205 -13.91 -2.65 10.90
N GLY A 206 -14.85 -1.87 10.48
CA GLY A 206 -15.67 -1.09 11.40
C GLY A 206 -15.01 0.15 11.93
N LYS A 207 -13.88 0.50 11.39
CA LYS A 207 -13.15 1.70 11.80
C LYS A 207 -13.38 2.78 10.73
N PRO A 208 -13.54 3.98 11.19
CA PRO A 208 -13.74 5.17 10.30
C PRO A 208 -12.32 5.63 9.91
N VAL A 209 -12.10 5.73 8.60
CA VAL A 209 -10.81 6.09 8.02
C VAL A 209 -10.72 6.97 6.82
N HIS A 210 -9.83 7.96 6.83
CA HIS A 210 -9.61 8.91 5.74
C HIS A 210 -8.20 8.66 5.16
N VAL A 211 -8.11 8.79 3.84
CA VAL A 211 -6.96 8.59 3.03
C VAL A 211 -5.78 9.44 3.53
N SER A 212 -4.69 8.80 3.78
CA SER A 212 -3.48 9.43 4.25
C SER A 212 -2.66 10.14 3.20
N PRO A 213 -1.87 11.09 3.73
CA PRO A 213 -0.94 11.87 2.88
C PRO A 213 -0.10 10.86 2.11
N GLY A 214 0.47 11.21 0.99
CA GLY A 214 1.28 10.25 0.21
C GLY A 214 1.87 10.92 -1.02
N GLN A 215 3.15 10.67 -1.28
CA GLN A 215 3.75 11.32 -2.50
C GLN A 215 2.86 10.88 -3.67
N LEU A 216 2.41 11.83 -4.42
CA LEU A 216 1.56 11.69 -5.61
C LEU A 216 0.14 11.31 -5.23
N ASP A 217 -0.27 11.55 -4.02
CA ASP A 217 -1.62 11.19 -3.59
C ASP A 217 -2.70 11.84 -4.47
N ALA A 218 -2.60 13.16 -4.52
CA ALA A 218 -3.56 13.98 -5.25
C ALA A 218 -3.74 13.57 -6.68
N GLU A 219 -2.63 13.38 -7.36
CA GLU A 219 -2.58 13.01 -8.78
C GLU A 219 -3.08 11.65 -9.18
N ALA A 220 -3.03 10.68 -8.29
CA ALA A 220 -3.49 9.32 -8.53
C ALA A 220 -4.70 8.86 -7.74
N TYR A 221 -4.90 9.19 -6.49
CA TYR A 221 -6.05 8.73 -5.73
C TYR A 221 -6.63 9.61 -4.66
N GLY A 222 -6.30 10.88 -4.63
CA GLY A 222 -6.77 11.82 -3.62
C GLY A 222 -7.87 12.80 -3.79
N VAL A 223 -8.79 12.65 -4.74
CA VAL A 223 -9.87 13.59 -4.95
C VAL A 223 -11.17 13.14 -4.25
N LYS A 224 -11.75 14.11 -3.59
CA LYS A 224 -12.97 14.00 -2.82
C LYS A 224 -14.04 14.71 -3.63
N SER A 225 -15.15 13.98 -3.66
CA SER A 225 -16.29 14.62 -4.41
C SER A 225 -17.60 14.04 -3.95
N SER A 226 -18.63 14.72 -4.40
CA SER A 226 -20.01 14.36 -4.08
C SER A 226 -20.67 13.77 -5.35
N VAL A 227 -21.70 12.87 -5.12
CA VAL A 227 -22.51 12.27 -6.20
C VAL A 227 -23.02 13.40 -6.98
N ILE A 228 -23.50 14.61 -6.45
CA ILE A 228 -23.94 15.69 -7.37
C ILE A 228 -22.78 16.00 -8.32
N ASP A 229 -21.64 16.39 -7.76
CA ASP A 229 -20.49 16.71 -8.59
C ASP A 229 -20.06 15.56 -9.48
N MET A 230 -20.00 14.34 -9.03
CA MET A 230 -19.55 13.22 -9.92
C MET A 230 -20.38 13.13 -11.19
N THR A 231 -21.67 13.29 -11.07
CA THR A 231 -22.67 13.29 -12.14
C THR A 231 -22.39 14.40 -13.15
N ARG A 232 -22.00 15.61 -12.72
CA ARG A 232 -21.70 16.70 -13.63
C ARG A 232 -20.42 16.36 -14.42
N TRP A 233 -19.49 15.76 -13.69
CA TRP A 233 -18.19 15.34 -14.27
C TRP A 233 -18.46 14.28 -15.35
N VAL A 234 -19.30 13.34 -15.04
CA VAL A 234 -19.66 12.27 -16.01
C VAL A 234 -20.35 12.90 -17.23
N GLN A 235 -21.26 13.81 -16.91
CA GLN A 235 -22.02 14.52 -17.98
C GLN A 235 -21.08 15.24 -18.93
N ALA A 236 -20.15 16.01 -18.34
CA ALA A 236 -19.16 16.73 -19.13
C ALA A 236 -18.33 15.74 -19.97
N ASN A 237 -17.82 14.67 -19.37
CA ASN A 237 -16.99 13.70 -20.11
C ASN A 237 -17.80 12.97 -21.17
N MET A 238 -19.02 12.66 -20.82
CA MET A 238 -19.91 11.96 -21.76
C MET A 238 -20.27 12.83 -22.94
N ASP A 239 -19.94 14.11 -22.95
CA ASP A 239 -20.21 15.04 -24.03
C ASP A 239 -19.67 16.45 -23.76
N ALA A 240 -18.50 16.72 -24.22
CA ALA A 240 -17.66 17.89 -24.12
C ALA A 240 -18.02 19.17 -24.84
N SER A 241 -18.93 19.18 -25.75
CA SER A 241 -19.46 20.25 -26.55
C SER A 241 -20.10 21.31 -25.63
N GLN A 242 -20.61 20.79 -24.52
CA GLN A 242 -21.26 21.58 -23.48
C GLN A 242 -20.24 22.48 -22.78
N VAL A 243 -19.02 22.06 -22.79
CA VAL A 243 -17.87 22.74 -22.17
C VAL A 243 -17.48 23.97 -22.94
N GLN A 244 -17.62 25.10 -22.31
CA GLN A 244 -17.29 26.39 -22.94
C GLN A 244 -15.80 26.59 -23.13
N GLU A 245 -14.98 26.15 -22.22
CA GLU A 245 -13.50 26.37 -22.41
C GLU A 245 -12.98 25.49 -23.50
N LYS A 246 -12.38 26.13 -24.53
CA LYS A 246 -11.83 25.43 -25.69
C LYS A 246 -10.82 24.38 -25.28
N THR A 247 -9.83 24.73 -24.50
CA THR A 247 -8.81 23.78 -24.07
C THR A 247 -9.32 22.65 -23.18
N LEU A 248 -10.15 22.93 -22.18
CA LEU A 248 -10.69 21.88 -21.34
C LEU A 248 -11.49 20.90 -22.20
N GLN A 249 -12.23 21.39 -23.16
CA GLN A 249 -13.05 20.54 -24.03
C GLN A 249 -12.23 19.54 -24.83
N GLN A 250 -11.18 20.02 -25.48
CA GLN A 250 -10.28 19.20 -26.32
C GLN A 250 -9.54 18.15 -25.48
N GLY A 251 -9.22 18.59 -24.28
CA GLY A 251 -8.55 17.89 -23.23
C GLY A 251 -9.33 16.60 -22.92
N ILE A 252 -10.63 16.73 -22.79
CA ILE A 252 -11.56 15.68 -22.51
C ILE A 252 -11.61 14.73 -23.72
N GLU A 253 -11.50 15.32 -24.90
CA GLU A 253 -11.51 14.58 -26.15
C GLU A 253 -10.22 13.75 -26.22
N LEU A 254 -9.15 14.28 -25.68
CA LEU A 254 -7.84 13.68 -25.65
C LEU A 254 -7.73 12.52 -24.68
N ALA A 255 -8.23 12.66 -23.47
CA ALA A 255 -8.20 11.64 -22.45
C ALA A 255 -9.09 10.42 -22.76
N GLN A 256 -9.97 10.55 -23.75
CA GLN A 256 -10.85 9.45 -24.18
C GLN A 256 -10.40 8.92 -25.57
N SER A 257 -9.31 9.40 -26.08
CA SER A 257 -8.67 9.04 -27.31
C SER A 257 -7.98 7.69 -26.94
N ARG A 258 -7.86 6.82 -27.94
CA ARG A 258 -7.23 5.49 -27.64
C ARG A 258 -5.79 5.41 -27.99
N TYR A 259 -4.86 5.21 -27.08
CA TYR A 259 -3.44 5.15 -27.28
C TYR A 259 -2.78 3.80 -27.47
N TRP A 260 -3.24 2.76 -26.82
CA TRP A 260 -2.87 1.42 -26.74
C TRP A 260 -4.15 0.51 -26.66
N ARG A 261 -3.89 -0.73 -27.06
CA ARG A 261 -4.91 -1.79 -27.04
C ARG A 261 -4.36 -2.92 -26.18
N ILE A 262 -5.12 -3.31 -25.18
CA ILE A 262 -4.72 -4.41 -24.26
C ILE A 262 -5.96 -5.35 -24.19
N GLY A 263 -6.00 -6.07 -25.32
CA GLY A 263 -6.95 -7.03 -25.66
C GLY A 263 -8.35 -6.63 -25.32
N ASP A 264 -9.06 -6.12 -26.26
CA ASP A 264 -10.48 -5.69 -26.13
C ASP A 264 -10.67 -4.42 -25.34
N MET A 265 -9.64 -3.98 -24.67
CA MET A 265 -9.66 -2.79 -23.83
C MET A 265 -8.61 -1.86 -24.47
N TYR A 266 -8.99 -0.59 -24.37
CA TYR A 266 -8.19 0.52 -24.87
C TYR A 266 -7.95 1.51 -23.72
N GLN A 267 -6.78 2.09 -23.76
CA GLN A 267 -6.31 3.05 -22.77
C GLN A 267 -6.23 4.48 -23.26
N GLY A 268 -6.89 5.35 -22.54
CA GLY A 268 -6.91 6.82 -22.81
C GLY A 268 -6.02 7.38 -21.66
N LEU A 269 -6.45 8.54 -21.20
CA LEU A 269 -5.78 9.25 -20.08
C LEU A 269 -6.74 9.08 -18.89
N GLY A 270 -6.32 8.18 -17.99
CA GLY A 270 -7.11 7.90 -16.79
C GLY A 270 -8.29 6.99 -17.11
N TRP A 271 -9.05 7.30 -18.12
CA TRP A 271 -10.17 6.61 -18.66
C TRP A 271 -9.70 5.39 -19.51
N GLU A 272 -10.46 4.35 -19.38
CA GLU A 272 -10.30 3.08 -20.05
C GLU A 272 -11.57 2.80 -20.82
N MET A 273 -11.44 2.53 -22.13
CA MET A 273 -12.70 2.26 -22.86
C MET A 273 -12.66 0.91 -23.62
N LEU A 274 -13.91 0.54 -23.89
CA LEU A 274 -14.24 -0.68 -24.63
C LEU A 274 -15.20 -0.34 -25.76
N ASN A 275 -15.11 -1.12 -26.84
CA ASN A 275 -16.04 -0.88 -28.01
C ASN A 275 -17.42 -1.24 -27.48
N TRP A 276 -18.48 -0.59 -27.85
CA TRP A 276 -19.84 -0.90 -27.34
C TRP A 276 -20.60 -1.38 -28.59
N PRO A 277 -21.43 -2.39 -28.53
CA PRO A 277 -21.77 -3.14 -27.35
C PRO A 277 -20.70 -4.08 -26.86
N VAL A 278 -20.64 -4.20 -25.48
CA VAL A 278 -19.63 -4.92 -24.71
C VAL A 278 -20.22 -6.15 -24.04
N LYS A 279 -19.35 -7.21 -23.89
CA LYS A 279 -19.60 -8.50 -23.22
C LYS A 279 -19.43 -8.30 -21.73
N ALA A 280 -20.54 -8.40 -21.02
CA ALA A 280 -20.60 -8.24 -19.57
C ALA A 280 -19.39 -8.95 -18.99
N ASP A 281 -19.11 -10.17 -19.42
CA ASP A 281 -18.00 -10.95 -18.96
C ASP A 281 -16.65 -10.26 -19.14
N SER A 282 -16.41 -9.63 -20.29
CA SER A 282 -15.12 -8.98 -20.49
C SER A 282 -14.81 -7.96 -19.39
N ILE A 283 -15.73 -7.05 -19.17
CA ILE A 283 -15.49 -6.00 -18.16
C ILE A 283 -15.72 -6.46 -16.78
N ILE A 284 -16.57 -7.44 -16.54
CA ILE A 284 -16.76 -7.89 -15.15
C ILE A 284 -15.52 -8.67 -14.67
N SER A 285 -14.88 -9.40 -15.58
CA SER A 285 -13.69 -10.20 -15.25
C SER A 285 -12.36 -9.53 -15.48
N GLY A 286 -12.33 -8.49 -16.31
CA GLY A 286 -11.12 -7.71 -16.60
C GLY A 286 -10.84 -6.69 -15.48
N SER A 287 -11.79 -6.53 -14.58
CA SER A 287 -11.80 -5.66 -13.44
C SER A 287 -11.19 -6.28 -12.17
N ASP A 288 -10.92 -7.56 -12.32
CA ASP A 288 -10.36 -8.42 -11.32
C ASP A 288 -8.87 -8.18 -11.05
N SER A 289 -8.53 -8.09 -9.76
CA SER A 289 -7.17 -7.89 -9.28
C SER A 289 -6.18 -8.61 -10.22
N LYS A 290 -6.51 -9.82 -10.60
CA LYS A 290 -5.77 -10.71 -11.43
C LYS A 290 -5.54 -10.33 -12.86
N VAL A 291 -6.27 -9.44 -13.45
CA VAL A 291 -6.18 -8.97 -14.82
C VAL A 291 -5.76 -7.47 -14.88
N ALA A 292 -6.56 -6.76 -14.09
CA ALA A 292 -6.53 -5.32 -13.84
C ALA A 292 -5.14 -4.86 -13.38
N LEU A 293 -4.58 -5.57 -12.43
CA LEU A 293 -3.29 -5.34 -11.83
C LEU A 293 -2.15 -6.15 -12.43
N ALA A 294 -2.40 -6.92 -13.48
CA ALA A 294 -1.35 -7.71 -14.11
C ALA A 294 -0.64 -7.02 -15.26
N ALA A 295 0.62 -7.42 -15.42
CA ALA A 295 1.48 -6.89 -16.50
C ALA A 295 1.09 -7.58 -17.80
N LEU A 296 0.47 -6.78 -18.67
CA LEU A 296 0.03 -7.29 -19.96
C LEU A 296 0.58 -6.58 -21.19
N PRO A 297 0.65 -7.41 -22.23
CA PRO A 297 1.12 -6.97 -23.58
C PRO A 297 0.15 -5.93 -24.19
N ALA A 298 0.71 -4.76 -24.54
CA ALA A 298 -0.05 -3.69 -25.12
C ALA A 298 0.35 -3.33 -26.55
N VAL A 299 -0.63 -3.12 -27.34
CA VAL A 299 -0.58 -2.77 -28.75
C VAL A 299 -0.76 -1.26 -28.90
N GLU A 300 0.34 -0.60 -29.20
CA GLU A 300 0.42 0.82 -29.44
C GLU A 300 -0.50 1.23 -30.58
N VAL A 301 -1.42 2.10 -30.35
CA VAL A 301 -2.31 2.60 -31.39
C VAL A 301 -1.68 3.98 -31.69
N ASN A 302 -0.69 4.13 -32.52
CA ASN A 302 -0.18 5.54 -32.68
C ASN A 302 -0.01 5.87 -34.15
N PRO A 303 -0.64 6.96 -34.63
CA PRO A 303 -1.44 7.93 -33.94
C PRO A 303 -2.61 7.33 -33.20
N PRO A 304 -2.90 7.95 -32.06
CA PRO A 304 -4.01 7.50 -31.19
C PRO A 304 -5.29 7.51 -32.02
N ALA A 305 -6.25 6.79 -31.60
CA ALA A 305 -7.57 6.67 -32.28
C ALA A 305 -8.44 7.69 -31.57
N PRO A 306 -9.37 8.31 -32.24
CA PRO A 306 -10.23 9.33 -31.65
C PRO A 306 -11.45 8.88 -30.89
N ALA A 307 -11.74 9.54 -29.80
CA ALA A 307 -12.90 9.22 -28.93
C ALA A 307 -14.10 9.03 -29.84
N VAL A 308 -14.74 7.90 -29.71
CA VAL A 308 -15.91 7.48 -30.49
C VAL A 308 -17.01 7.37 -29.42
N LYS A 309 -18.18 7.74 -29.87
CA LYS A 309 -19.38 7.71 -29.04
C LYS A 309 -19.81 6.31 -28.68
N ALA A 310 -19.45 5.31 -29.44
CA ALA A 310 -19.84 3.92 -29.13
C ALA A 310 -18.62 3.19 -28.55
N SER A 311 -18.45 3.46 -27.26
CA SER A 311 -17.44 2.98 -26.34
C SER A 311 -18.13 2.94 -24.96
N TRP A 312 -17.47 2.24 -24.08
CA TRP A 312 -17.97 2.06 -22.69
C TRP A 312 -16.80 2.66 -21.92
N VAL A 313 -17.00 3.89 -21.49
CA VAL A 313 -15.94 4.63 -20.73
C VAL A 313 -16.10 4.33 -19.26
N HIS A 314 -14.97 4.18 -18.55
CA HIS A 314 -15.25 3.89 -17.09
C HIS A 314 -13.95 3.88 -16.34
N LYS A 315 -14.09 3.86 -15.01
CA LYS A 315 -12.95 3.83 -14.14
C LYS A 315 -13.35 3.46 -12.69
N THR A 316 -12.54 2.56 -12.16
CA THR A 316 -12.69 2.06 -10.80
C THR A 316 -11.72 2.81 -9.89
N GLY A 317 -11.93 2.79 -8.61
CA GLY A 317 -11.10 3.41 -7.60
C GLY A 317 -11.37 2.88 -6.21
N SER A 318 -10.28 2.78 -5.47
CA SER A 318 -10.38 2.30 -4.04
C SER A 318 -9.45 3.13 -3.17
N THR A 319 -9.71 3.08 -1.91
CA THR A 319 -9.06 3.72 -0.82
C THR A 319 -9.51 2.96 0.47
N GLY A 320 -8.61 2.78 1.40
CA GLY A 320 -8.89 2.10 2.65
C GLY A 320 -10.38 1.84 2.81
N GLY A 321 -11.08 2.84 3.26
CA GLY A 321 -12.50 2.83 3.52
C GLY A 321 -13.42 3.09 2.37
N PHE A 322 -12.93 3.28 1.16
CA PHE A 322 -13.76 3.60 0.02
C PHE A 322 -13.61 2.88 -1.31
N GLY A 323 -14.78 2.53 -1.83
CA GLY A 323 -15.00 1.88 -3.12
C GLY A 323 -15.84 2.85 -4.01
N SER A 324 -15.33 3.09 -5.19
CA SER A 324 -15.95 3.96 -6.19
C SER A 324 -15.89 3.37 -7.58
N TYR A 325 -16.93 3.74 -8.38
CA TYR A 325 -17.07 3.27 -9.76
C TYR A 325 -17.89 4.24 -10.60
N VAL A 326 -17.36 4.45 -11.81
CA VAL A 326 -18.06 5.40 -12.75
C VAL A 326 -18.07 4.75 -14.13
N ALA A 327 -19.16 4.78 -14.82
CA ALA A 327 -19.26 4.21 -16.17
C ALA A 327 -20.27 5.07 -16.94
N PHE A 328 -20.08 5.09 -18.26
CA PHE A 328 -20.93 5.86 -19.16
C PHE A 328 -20.78 5.47 -20.64
N VAL A 329 -21.93 5.52 -21.32
CA VAL A 329 -22.02 5.19 -22.77
C VAL A 329 -22.49 6.45 -23.51
N PRO A 330 -21.48 7.15 -24.00
CA PRO A 330 -21.64 8.42 -24.70
C PRO A 330 -22.75 8.36 -25.68
N GLU A 331 -22.74 7.35 -26.52
CA GLU A 331 -23.74 7.12 -27.54
C GLU A 331 -25.16 6.97 -27.04
N LYS A 332 -25.36 6.35 -25.91
CA LYS A 332 -26.68 6.14 -25.33
C LYS A 332 -27.00 7.18 -24.28
N ASN A 333 -26.06 8.01 -23.91
CA ASN A 333 -26.25 9.08 -22.92
C ASN A 333 -26.66 8.59 -21.54
N LEU A 334 -26.20 7.46 -21.18
CA LEU A 334 -26.43 6.75 -19.92
C LEU A 334 -25.15 6.74 -19.13
N GLY A 335 -25.23 6.75 -17.82
CA GLY A 335 -23.99 6.75 -16.98
C GLY A 335 -24.41 6.32 -15.58
N ILE A 336 -23.38 6.09 -14.79
CA ILE A 336 -23.70 5.66 -13.40
C ILE A 336 -22.53 6.04 -12.53
N VAL A 337 -22.85 6.57 -11.37
CA VAL A 337 -21.85 6.95 -10.37
C VAL A 337 -22.26 6.17 -9.10
N MET A 338 -21.34 5.31 -8.66
CA MET A 338 -21.53 4.49 -7.47
C MET A 338 -20.38 4.84 -6.48
N LEU A 339 -20.79 5.46 -5.41
CA LEU A 339 -19.85 5.86 -4.36
C LEU A 339 -20.25 5.22 -3.04
N ALA A 340 -19.35 4.43 -2.49
CA ALA A 340 -19.59 3.75 -1.22
C ALA A 340 -18.50 4.09 -0.19
N ASN A 341 -18.85 4.06 1.09
CA ASN A 341 -17.80 4.34 2.12
C ASN A 341 -17.43 3.04 2.85
N LYS A 342 -16.86 2.14 2.15
CA LYS A 342 -16.36 0.82 2.54
C LYS A 342 -15.74 0.18 1.31
N SER A 343 -14.49 -0.25 1.34
CA SER A 343 -13.96 -0.86 0.10
C SER A 343 -14.45 -2.31 -0.07
N TYR A 344 -14.95 -2.54 -1.27
CA TYR A 344 -15.44 -3.95 -1.55
C TYR A 344 -14.87 -4.36 -2.92
N PRO A 345 -15.08 -5.64 -3.24
CA PRO A 345 -14.59 -6.22 -4.49
C PRO A 345 -15.06 -5.48 -5.73
N ASN A 346 -14.11 -5.22 -6.62
CA ASN A 346 -14.30 -4.51 -7.89
C ASN A 346 -15.37 -5.04 -8.82
N PRO A 347 -15.24 -6.29 -9.21
CA PRO A 347 -16.19 -6.97 -10.11
C PRO A 347 -17.61 -7.07 -9.57
N VAL A 348 -17.77 -6.78 -8.30
CA VAL A 348 -19.05 -6.75 -7.59
C VAL A 348 -19.78 -5.47 -8.06
N ARG A 349 -19.01 -4.37 -7.89
CA ARG A 349 -19.38 -3.04 -8.24
C ARG A 349 -19.76 -2.97 -9.75
N VAL A 350 -18.82 -3.50 -10.53
CA VAL A 350 -18.91 -3.53 -11.97
C VAL A 350 -20.07 -4.37 -12.48
N GLU A 351 -20.35 -5.44 -11.79
CA GLU A 351 -21.47 -6.36 -12.23
C GLU A 351 -22.78 -5.67 -11.82
N ALA A 352 -22.71 -4.91 -10.74
CA ALA A 352 -23.92 -4.19 -10.26
C ALA A 352 -24.20 -3.04 -11.23
N ALA A 353 -23.13 -2.36 -11.57
CA ALA A 353 -23.20 -1.24 -12.52
C ALA A 353 -23.79 -1.74 -13.82
N TRP A 354 -23.60 -2.97 -14.16
CA TRP A 354 -24.07 -3.59 -15.41
C TRP A 354 -25.52 -4.03 -15.34
N ARG A 355 -25.92 -4.62 -14.23
CA ARG A 355 -27.29 -5.08 -14.03
C ARG A 355 -28.21 -3.90 -14.36
N ILE A 356 -28.03 -2.83 -13.61
CA ILE A 356 -28.81 -1.60 -13.73
C ILE A 356 -28.87 -1.14 -15.18
N LEU A 357 -27.71 -0.72 -15.67
CA LEU A 357 -27.53 -0.22 -17.02
C LEU A 357 -28.24 -1.10 -18.01
N GLU A 358 -27.90 -2.36 -17.97
CA GLU A 358 -28.46 -3.37 -18.88
C GLU A 358 -29.98 -3.21 -18.95
N LYS A 359 -30.56 -2.95 -17.82
CA LYS A 359 -31.99 -2.78 -17.61
C LYS A 359 -32.55 -1.50 -18.20
N LEU A 360 -31.65 -0.55 -18.42
CA LEU A 360 -31.99 0.75 -18.98
C LEU A 360 -31.60 0.95 -20.40
N GLN A 361 -31.05 -0.04 -21.04
CA GLN A 361 -30.67 0.05 -22.47
C GLN A 361 -31.66 -0.93 -23.16
N ALA B 1 34.78 -2.98 28.26
CA ALA B 1 35.01 -1.63 28.77
C ALA B 1 35.92 -0.75 27.95
N ALA B 2 36.15 -1.01 26.64
CA ALA B 2 37.03 -0.07 25.91
C ALA B 2 36.22 1.26 25.77
N LYS B 3 34.98 1.13 25.42
CA LYS B 3 34.14 2.36 25.30
C LYS B 3 33.33 2.49 26.60
N THR B 4 33.42 3.64 27.23
CA THR B 4 32.69 3.95 28.46
C THR B 4 31.32 4.48 28.00
N GLU B 5 30.37 4.51 28.91
CA GLU B 5 29.01 5.00 28.69
C GLU B 5 28.97 6.33 27.95
N GLN B 6 29.85 7.20 28.34
CA GLN B 6 29.96 8.55 27.74
C GLN B 6 30.48 8.55 26.35
N GLN B 7 31.24 7.55 25.89
CA GLN B 7 31.76 7.56 24.53
C GLN B 7 30.71 6.97 23.58
N ILE B 8 29.79 6.22 24.13
CA ILE B 8 28.69 5.57 23.40
C ILE B 8 27.60 6.64 23.16
N ALA B 9 27.46 7.54 24.10
CA ALA B 9 26.55 8.65 24.12
C ALA B 9 27.02 9.63 23.02
N ASP B 10 28.26 10.00 23.17
CA ASP B 10 28.85 10.92 22.15
C ASP B 10 28.65 10.38 20.75
N ILE B 11 29.07 9.13 20.56
CA ILE B 11 28.96 8.47 19.28
C ILE B 11 27.52 8.41 18.75
N VAL B 12 26.59 8.08 19.64
CA VAL B 12 25.19 7.94 19.30
C VAL B 12 24.50 9.26 19.06
N ASN B 13 24.96 10.25 19.80
CA ASN B 13 24.40 11.61 19.70
C ASN B 13 24.77 12.34 18.42
N ARG B 14 25.99 12.22 18.01
CA ARG B 14 26.54 12.82 16.81
C ARG B 14 25.95 12.29 15.48
N THR B 15 25.40 11.07 15.56
CA THR B 15 24.82 10.42 14.43
C THR B 15 23.35 10.79 14.34
N ILE B 16 22.68 10.58 15.44
CA ILE B 16 21.23 10.84 15.57
C ILE B 16 20.83 12.25 15.38
N THR B 17 21.43 13.22 16.09
CA THR B 17 21.14 14.66 16.01
C THR B 17 20.99 15.08 14.54
N PRO B 18 22.10 15.06 13.84
CA PRO B 18 22.16 15.42 12.42
C PRO B 18 21.00 14.77 11.68
N LEU B 19 20.83 13.50 11.82
CA LEU B 19 19.80 12.72 11.18
C LEU B 19 18.38 13.17 11.46
N MET B 20 18.05 13.45 12.73
CA MET B 20 16.62 13.83 13.01
C MET B 20 16.35 15.07 12.21
N GLN B 21 17.23 16.00 12.42
CA GLN B 21 17.21 17.30 11.71
C GLN B 21 16.87 17.18 10.23
N GLU B 22 17.78 16.58 9.50
CA GLU B 22 17.88 16.28 8.11
C GLU B 22 16.66 15.58 7.53
N GLN B 23 16.21 14.60 8.24
CA GLN B 23 15.09 13.74 7.89
C GLN B 23 13.78 14.27 8.51
N ALA B 24 13.93 15.27 9.39
CA ALA B 24 12.71 15.84 9.99
C ALA B 24 11.97 14.82 10.81
N ILE B 25 12.65 14.13 11.71
CA ILE B 25 12.01 13.10 12.56
C ILE B 25 11.70 13.67 13.94
N PRO B 26 10.43 13.72 14.33
CA PRO B 26 10.01 14.25 15.59
C PRO B 26 10.58 13.68 16.85
N GLY B 27 10.52 12.40 17.03
CA GLY B 27 10.97 11.62 18.17
C GLY B 27 11.66 10.33 17.68
N MET B 28 12.69 10.07 18.50
CA MET B 28 13.57 8.88 18.22
C MET B 28 13.92 8.25 19.55
N ALA B 29 14.17 6.96 19.43
CA ALA B 29 14.54 6.09 20.59
C ALA B 29 15.45 4.99 19.96
N VAL B 30 16.65 5.06 20.49
CA VAL B 30 17.81 4.25 20.17
C VAL B 30 18.35 3.51 21.39
N ALA B 31 18.59 2.18 21.20
CA ALA B 31 19.16 1.36 22.27
C ALA B 31 20.40 0.65 21.69
N ILE B 32 21.51 0.88 22.34
CA ILE B 32 22.76 0.20 21.89
C ILE B 32 23.01 -0.97 22.85
N ILE B 33 23.52 -2.08 22.33
CA ILE B 33 23.85 -3.25 23.23
C ILE B 33 25.38 -3.37 22.97
N TYR B 34 26.11 -3.17 24.05
CA TYR B 34 27.58 -3.18 24.01
C TYR B 34 28.05 -4.12 25.11
N GLN B 35 28.59 -5.25 24.66
CA GLN B 35 29.10 -6.30 25.51
C GLN B 35 28.07 -6.84 26.51
N GLY B 36 26.84 -7.00 26.11
CA GLY B 36 25.80 -7.52 27.04
C GLY B 36 24.98 -6.42 27.70
N LYS B 37 25.55 -5.23 27.80
CA LYS B 37 25.07 -3.99 28.36
C LYS B 37 24.24 -3.08 27.45
N PRO B 38 23.02 -2.85 27.83
CA PRO B 38 22.11 -1.99 27.09
C PRO B 38 22.19 -0.56 27.57
N TYR B 39 22.10 0.34 26.61
CA TYR B 39 22.12 1.79 26.80
C TYR B 39 20.88 2.36 26.11
N TYR B 40 20.14 3.22 26.81
CA TYR B 40 18.92 3.80 26.18
C TYR B 40 19.13 5.25 25.82
N PHE B 41 18.59 5.64 24.67
CA PHE B 41 18.65 7.02 24.16
C PHE B 41 17.25 7.38 23.58
N THR B 42 16.78 8.57 23.94
CA THR B 42 15.51 9.12 23.54
C THR B 42 15.63 10.63 23.28
N TRP B 43 15.05 11.01 22.14
CA TRP B 43 15.01 12.37 21.68
C TRP B 43 13.60 12.62 21.07
N GLY B 44 13.15 13.86 21.29
CA GLY B 44 11.98 14.45 20.83
C GLY B 44 10.60 14.38 21.26
N LYS B 45 9.66 14.51 20.33
CA LYS B 45 8.22 14.48 20.63
C LYS B 45 7.62 13.25 19.98
N ALA B 46 6.67 12.73 20.73
CA ALA B 46 5.91 11.49 20.33
C ALA B 46 4.61 11.95 19.64
N ASP B 47 4.12 13.05 20.08
CA ASP B 47 2.92 13.79 19.69
C ASP B 47 3.39 15.26 19.72
N ILE B 48 3.61 15.86 18.56
CA ILE B 48 4.10 17.23 18.49
C ILE B 48 3.14 18.30 18.97
N ALA B 49 1.90 18.16 18.50
CA ALA B 49 0.84 19.12 18.88
C ALA B 49 0.71 19.16 20.39
N ASN B 50 0.36 18.09 21.02
CA ASN B 50 0.15 17.92 22.46
C ASN B 50 1.46 17.87 23.28
N ASN B 51 2.53 18.00 22.63
CA ASN B 51 3.90 18.01 22.96
C ASN B 51 4.28 17.08 24.13
N ARG B 52 3.91 15.86 23.79
CA ARG B 52 4.17 14.69 24.66
C ARG B 52 5.52 14.18 24.14
N PRO B 53 6.46 14.09 25.02
CA PRO B 53 7.80 13.62 24.68
C PRO B 53 7.95 12.07 24.67
N VAL B 54 8.86 11.71 23.79
CA VAL B 54 9.29 10.38 23.51
C VAL B 54 10.19 10.02 24.74
N THR B 55 9.75 9.00 25.34
CA THR B 55 10.26 8.33 26.53
C THR B 55 10.50 6.86 26.35
N GLN B 56 11.17 6.20 27.28
CA GLN B 56 11.46 4.78 27.31
C GLN B 56 10.21 3.92 27.31
N GLN B 57 9.05 4.53 27.47
CA GLN B 57 7.76 3.83 27.50
C GLN B 57 6.89 4.14 26.27
N THR B 58 7.30 5.10 25.45
CA THR B 58 6.46 5.41 24.28
C THR B 58 6.48 4.30 23.24
N LEU B 59 5.22 3.93 22.92
CA LEU B 59 4.89 2.92 21.97
C LEU B 59 4.97 3.38 20.51
N PHE B 60 5.91 2.72 19.88
CA PHE B 60 6.24 2.89 18.47
C PHE B 60 5.72 1.67 17.65
N GLU B 61 5.17 1.99 16.52
CA GLU B 61 4.67 0.96 15.61
C GLU B 61 5.94 0.32 15.02
N LEU B 62 6.01 -1.00 15.05
CA LEU B 62 7.19 -1.68 14.52
C LEU B 62 7.12 -2.02 13.03
N GLY B 63 5.91 -1.83 12.45
CA GLY B 63 5.87 -2.16 10.97
C GLY B 63 6.24 -3.67 10.90
N SER B 64 7.11 -3.99 9.97
CA SER B 64 7.63 -5.26 9.63
C SER B 64 8.57 -5.79 10.66
N VAL B 65 9.00 -5.05 11.64
CA VAL B 65 9.91 -5.65 12.67
C VAL B 65 9.04 -6.71 13.38
N SER B 66 7.75 -6.73 13.24
CA SER B 66 6.74 -7.60 13.75
C SER B 66 6.85 -9.04 13.26
N LYS B 67 7.48 -9.22 12.11
CA LYS B 67 7.73 -10.53 11.46
C LYS B 67 8.72 -11.39 12.28
N THR B 68 9.53 -10.82 13.10
CA THR B 68 10.46 -11.45 13.97
C THR B 68 9.62 -12.16 15.05
N PHE B 69 8.65 -11.42 15.61
CA PHE B 69 7.77 -12.02 16.63
C PHE B 69 7.09 -13.27 16.01
N ASN B 70 6.47 -13.00 14.83
CA ASN B 70 5.74 -14.07 14.10
C ASN B 70 6.66 -15.24 13.95
N GLY B 71 7.79 -15.11 13.35
CA GLY B 71 8.83 -16.13 13.13
C GLY B 71 9.19 -16.80 14.45
N VAL B 72 9.42 -16.10 15.52
CA VAL B 72 9.73 -16.73 16.82
C VAL B 72 8.56 -17.61 17.25
N LEU B 73 7.37 -17.09 17.11
CA LEU B 73 6.12 -17.82 17.50
C LEU B 73 5.97 -19.09 16.71
N GLY B 74 6.18 -19.08 15.41
CA GLY B 74 6.09 -20.27 14.54
C GLY B 74 7.07 -21.35 15.04
N GLY B 75 8.25 -20.90 15.40
CA GLY B 75 9.38 -21.63 15.90
C GLY B 75 8.97 -22.42 17.18
N ASP B 76 8.30 -21.64 18.03
CA ASP B 76 7.81 -22.29 19.31
C ASP B 76 6.87 -23.42 18.90
N ALA B 77 5.87 -23.16 18.08
CA ALA B 77 4.91 -24.08 17.53
C ALA B 77 5.60 -25.37 17.00
N ILE B 78 6.75 -25.15 16.39
CA ILE B 78 7.59 -26.28 15.86
C ILE B 78 7.94 -27.08 17.13
N ALA B 79 8.65 -26.42 18.02
CA ALA B 79 9.11 -26.90 19.31
C ALA B 79 8.04 -27.66 20.06
N ARG B 80 6.86 -27.15 20.25
CA ARG B 80 5.78 -27.83 20.96
C ARG B 80 5.38 -29.12 20.20
N GLY B 81 5.77 -29.16 18.94
CA GLY B 81 5.49 -30.25 18.06
C GLY B 81 4.12 -30.07 17.44
N GLU B 82 3.59 -28.88 17.38
CA GLU B 82 2.26 -28.65 16.78
C GLU B 82 2.29 -28.44 15.29
N ILE B 83 3.43 -28.01 14.77
CA ILE B 83 3.52 -27.80 13.33
C ILE B 83 4.89 -28.20 12.79
N LYS B 84 4.84 -28.44 11.51
CA LYS B 84 6.01 -28.84 10.70
C LYS B 84 6.02 -27.79 9.56
N LEU B 85 7.23 -27.45 9.14
CA LEU B 85 7.38 -26.46 8.04
C LEU B 85 7.04 -27.12 6.72
N SER B 86 7.25 -28.41 6.63
CA SER B 86 6.96 -29.19 5.42
C SER B 86 5.47 -29.46 5.24
N ASP B 87 4.68 -29.20 6.27
CA ASP B 87 3.25 -29.46 6.17
C ASP B 87 2.67 -28.56 5.04
N PRO B 88 1.59 -29.06 4.51
CA PRO B 88 0.82 -28.44 3.42
C PRO B 88 -0.07 -27.36 3.95
N VAL B 89 -0.30 -26.28 3.22
CA VAL B 89 -1.14 -25.17 3.76
C VAL B 89 -2.57 -25.62 3.88
N THR B 90 -3.00 -26.44 2.95
CA THR B 90 -4.35 -27.01 2.87
C THR B 90 -4.63 -27.83 4.12
N GLN B 91 -3.57 -28.17 4.86
CA GLN B 91 -3.62 -28.94 6.10
C GLN B 91 -4.20 -28.10 7.26
N TYR B 92 -4.14 -26.78 7.05
CA TYR B 92 -4.63 -25.81 8.04
C TYR B 92 -5.78 -24.98 7.48
N TRP B 93 -5.76 -24.73 6.22
CA TRP B 93 -6.83 -23.94 5.56
C TRP B 93 -7.31 -24.89 4.46
N PRO B 94 -8.20 -25.78 4.90
CA PRO B 94 -8.79 -26.82 4.04
C PRO B 94 -9.59 -26.22 2.91
N GLU B 95 -9.97 -24.96 3.03
CA GLU B 95 -10.73 -24.22 2.04
C GLU B 95 -9.88 -23.77 0.86
N LEU B 96 -8.62 -24.17 0.81
CA LEU B 96 -7.76 -23.78 -0.35
C LEU B 96 -7.97 -24.95 -1.33
N THR B 97 -9.13 -24.89 -1.98
CA THR B 97 -9.53 -25.92 -2.95
C THR B 97 -8.51 -25.96 -4.06
N GLY B 98 -8.31 -24.85 -4.72
CA GLY B 98 -7.41 -24.65 -5.83
C GLY B 98 -6.33 -25.66 -6.15
N LYS B 99 -6.11 -25.81 -7.46
CA LYS B 99 -5.06 -26.72 -7.97
C LYS B 99 -3.72 -26.15 -7.50
N GLN B 100 -3.53 -24.87 -7.79
CA GLN B 100 -2.36 -24.07 -7.50
C GLN B 100 -1.78 -24.06 -6.10
N TRP B 101 -2.50 -24.44 -5.10
CA TRP B 101 -2.09 -24.49 -3.72
C TRP B 101 -1.43 -25.77 -3.30
N GLN B 102 -1.41 -26.71 -4.23
CA GLN B 102 -0.87 -28.05 -4.08
C GLN B 102 0.42 -28.18 -3.32
N GLY B 103 1.55 -28.01 -4.00
CA GLY B 103 2.85 -28.15 -3.37
C GLY B 103 3.41 -27.04 -2.56
N ILE B 104 2.62 -26.26 -1.86
CA ILE B 104 3.16 -25.14 -1.07
C ILE B 104 3.05 -25.45 0.40
N SER B 105 4.15 -25.33 1.09
CA SER B 105 4.17 -25.62 2.55
C SER B 105 4.21 -24.35 3.38
N LEU B 106 4.12 -24.63 4.68
CA LEU B 106 4.19 -23.53 5.69
C LEU B 106 5.43 -22.70 5.34
N LEU B 107 6.54 -23.40 5.25
CA LEU B 107 7.87 -22.87 4.91
C LEU B 107 7.79 -21.93 3.72
N HIS B 108 7.07 -22.32 2.69
CA HIS B 108 6.90 -21.49 1.51
C HIS B 108 6.33 -20.13 1.96
N LEU B 109 5.23 -20.24 2.73
CA LEU B 109 4.55 -19.06 3.23
C LEU B 109 5.52 -18.24 4.10
N ALA B 110 6.11 -18.85 5.09
CA ALA B 110 7.00 -18.15 5.99
C ALA B 110 8.19 -17.53 5.34
N THR B 111 8.66 -18.07 4.27
CA THR B 111 9.90 -17.48 3.62
C THR B 111 9.68 -16.71 2.37
N TYR B 112 8.42 -16.38 2.06
CA TYR B 112 8.03 -15.63 0.89
C TYR B 112 8.42 -16.40 -0.38
N THR B 113 8.44 -17.73 -0.29
CA THR B 113 8.82 -18.54 -1.48
C THR B 113 7.72 -19.30 -2.18
N ALA B 114 6.49 -19.13 -1.74
CA ALA B 114 5.25 -19.71 -2.23
C ALA B 114 5.04 -19.46 -3.71
N GLY B 115 5.79 -18.56 -4.31
CA GLY B 115 5.76 -18.22 -5.69
C GLY B 115 5.04 -16.96 -6.11
N GLY B 116 5.17 -15.88 -5.33
CA GLY B 116 4.54 -14.63 -5.64
C GLY B 116 3.24 -14.15 -5.10
N LEU B 117 2.95 -14.43 -3.86
CA LEU B 117 1.68 -13.93 -3.18
C LEU B 117 2.15 -12.44 -3.03
N PRO B 118 1.28 -11.50 -3.15
CA PRO B 118 1.55 -10.09 -3.11
C PRO B 118 2.11 -9.41 -1.91
N LEU B 119 2.79 -8.24 -2.17
CA LEU B 119 3.41 -7.43 -1.14
C LEU B 119 2.43 -6.96 -0.06
N GLN B 120 1.25 -6.68 -0.54
CA GLN B 120 0.12 -6.22 0.18
C GLN B 120 -1.11 -7.05 -0.29
N VAL B 121 -1.87 -7.29 0.77
CA VAL B 121 -3.15 -8.00 0.60
C VAL B 121 -3.91 -6.84 -0.09
N PRO B 122 -4.64 -7.13 -1.11
CA PRO B 122 -5.42 -6.07 -1.79
C PRO B 122 -6.37 -5.44 -0.75
N ASP B 123 -6.28 -4.15 -0.57
CA ASP B 123 -7.04 -3.30 0.31
C ASP B 123 -8.56 -3.49 0.15
N ASP B 124 -8.90 -3.64 -1.12
CA ASP B 124 -10.26 -3.86 -1.65
C ASP B 124 -10.80 -5.16 -1.05
N VAL B 125 -9.94 -6.16 -0.96
CA VAL B 125 -10.34 -7.46 -0.32
C VAL B 125 -10.30 -6.88 1.12
N THR B 126 -11.44 -6.80 1.76
CA THR B 126 -11.51 -6.21 3.08
C THR B 126 -12.04 -7.02 4.21
N ASP B 127 -12.29 -8.27 4.00
CA ASP B 127 -12.81 -9.11 5.13
C ASP B 127 -12.35 -10.52 4.81
N LYS B 128 -12.65 -11.46 5.68
CA LYS B 128 -12.25 -12.86 5.46
C LYS B 128 -12.86 -13.44 4.19
N ALA B 129 -14.11 -13.07 3.93
CA ALA B 129 -14.87 -13.53 2.76
C ALA B 129 -14.07 -13.26 1.49
N ALA B 130 -13.65 -11.99 1.40
CA ALA B 130 -12.86 -11.58 0.22
C ALA B 130 -11.43 -12.11 0.36
N LEU B 131 -11.05 -12.49 1.58
CA LEU B 131 -9.69 -13.01 1.77
C LEU B 131 -9.58 -14.33 1.01
N LEU B 132 -10.33 -15.29 1.55
CA LEU B 132 -10.39 -16.64 1.00
C LEU B 132 -10.31 -16.57 -0.52
N ARG B 133 -11.27 -15.88 -1.08
CA ARG B 133 -11.43 -15.64 -2.50
C ARG B 133 -10.20 -15.10 -3.17
N PHE B 134 -9.47 -14.21 -2.48
CA PHE B 134 -8.26 -13.61 -3.09
C PHE B 134 -7.21 -14.71 -3.33
N TYR B 135 -6.97 -15.48 -2.27
CA TYR B 135 -5.98 -16.57 -2.34
C TYR B 135 -6.52 -17.59 -3.35
N GLN B 136 -7.78 -17.96 -3.15
CA GLN B 136 -8.48 -18.94 -4.01
C GLN B 136 -8.36 -18.71 -5.50
N ASN B 137 -8.10 -17.52 -5.93
CA ASN B 137 -7.93 -17.16 -7.34
C ASN B 137 -6.48 -16.72 -7.53
N TRP B 138 -5.69 -16.73 -6.46
CA TRP B 138 -4.28 -16.28 -6.60
C TRP B 138 -3.62 -17.06 -7.74
N GLN B 139 -2.91 -16.30 -8.55
CA GLN B 139 -2.19 -16.85 -9.72
C GLN B 139 -0.68 -16.70 -9.44
N PRO B 140 -0.07 -17.83 -9.14
CA PRO B 140 1.36 -17.88 -8.85
C PRO B 140 2.11 -17.53 -10.14
N GLN B 141 3.16 -16.77 -10.00
CA GLN B 141 4.00 -16.29 -11.09
C GLN B 141 5.11 -17.31 -11.30
N TRP B 142 5.42 -18.04 -10.24
CA TRP B 142 6.44 -19.07 -10.19
C TRP B 142 5.96 -20.22 -9.28
N ALA B 143 6.65 -21.32 -9.47
CA ALA B 143 6.48 -22.61 -8.77
C ALA B 143 7.12 -22.43 -7.43
N PRO B 144 6.63 -23.07 -6.41
CA PRO B 144 7.20 -22.95 -5.04
C PRO B 144 8.69 -23.09 -5.18
N GLY B 145 9.45 -22.44 -4.35
CA GLY B 145 10.85 -22.40 -4.27
C GLY B 145 11.83 -21.87 -5.23
N ALA B 146 11.47 -21.13 -6.25
CA ALA B 146 12.44 -20.59 -7.23
C ALA B 146 12.86 -19.20 -6.70
N LYS B 147 11.80 -18.37 -6.54
CA LYS B 147 11.92 -17.03 -6.05
C LYS B 147 11.22 -16.71 -4.74
N ARG B 148 11.90 -15.75 -4.13
CA ARG B 148 11.51 -15.16 -2.85
C ARG B 148 10.97 -13.77 -3.30
N LEU B 149 9.90 -13.40 -2.73
CA LEU B 149 9.27 -12.11 -2.98
C LEU B 149 8.63 -11.63 -1.65
N TYR B 150 9.37 -10.83 -0.91
CA TYR B 150 8.94 -10.28 0.38
C TYR B 150 7.46 -9.94 0.32
N ALA B 151 6.61 -10.61 0.98
CA ALA B 151 5.14 -10.31 0.91
C ALA B 151 4.52 -10.52 2.26
N ASN B 152 3.60 -9.63 2.62
CA ASN B 152 2.91 -9.70 3.93
C ASN B 152 1.72 -10.66 3.71
N SER B 153 1.42 -10.84 2.43
CA SER B 153 0.35 -11.76 1.98
C SER B 153 0.65 -13.21 2.44
N SER B 154 1.90 -13.60 2.49
CA SER B 154 2.62 -14.75 2.79
C SER B 154 2.95 -15.10 4.23
N ILE B 155 3.74 -14.22 4.87
CA ILE B 155 4.16 -14.39 6.26
C ILE B 155 3.02 -14.04 7.23
N GLY B 156 2.04 -13.36 6.69
CA GLY B 156 0.87 -12.94 7.51
C GLY B 156 -0.03 -14.20 7.60
N LEU B 157 0.01 -14.90 6.44
CA LEU B 157 -0.82 -16.13 6.38
C LEU B 157 -0.17 -17.21 7.24
N PHE B 158 1.12 -17.29 7.09
CA PHE B 158 1.91 -18.29 7.85
C PHE B 158 1.54 -18.18 9.30
N GLY B 159 1.56 -17.00 9.84
CA GLY B 159 1.23 -16.70 11.24
C GLY B 159 -0.22 -17.04 11.57
N ALA B 160 -1.12 -16.79 10.65
CA ALA B 160 -2.54 -17.08 10.89
C ALA B 160 -2.71 -18.59 11.13
N LEU B 161 -1.99 -19.31 10.27
CA LEU B 161 -2.00 -20.77 10.29
C LEU B 161 -1.06 -21.39 11.29
N ALA B 162 0.13 -20.91 11.54
CA ALA B 162 1.03 -21.52 12.53
C ALA B 162 0.34 -21.77 13.85
N VAL B 163 -0.55 -20.91 14.22
CA VAL B 163 -1.39 -20.83 15.38
C VAL B 163 -2.59 -21.73 15.52
N LYS B 164 -3.21 -22.18 14.42
CA LYS B 164 -4.41 -23.03 14.47
C LYS B 164 -4.29 -24.11 15.49
N PRO B 165 -3.35 -25.04 15.33
CA PRO B 165 -3.16 -26.12 16.33
C PRO B 165 -3.55 -25.64 17.70
N SER B 166 -2.86 -24.64 18.26
CA SER B 166 -3.04 -24.02 19.54
C SER B 166 -4.47 -23.70 19.95
N GLY B 167 -5.35 -23.52 18.98
CA GLY B 167 -6.75 -23.19 19.19
C GLY B 167 -6.84 -21.84 19.96
N MET B 168 -5.84 -21.00 19.73
CA MET B 168 -5.73 -19.68 20.35
C MET B 168 -5.62 -18.70 19.15
N SER B 169 -5.98 -17.47 19.51
CA SER B 169 -5.92 -16.37 18.49
C SER B 169 -4.45 -16.09 18.29
N TYR B 170 -4.06 -15.56 17.15
CA TYR B 170 -2.62 -15.26 16.93
C TYR B 170 -2.07 -14.42 18.08
N GLU B 171 -2.83 -13.40 18.44
CA GLU B 171 -2.59 -12.43 19.47
C GLU B 171 -2.61 -12.97 20.88
N GLU B 172 -3.54 -13.88 21.11
CA GLU B 172 -3.75 -14.55 22.40
C GLU B 172 -2.52 -15.41 22.71
N ALA B 173 -2.19 -16.18 21.66
CA ALA B 173 -1.08 -17.09 21.59
C ALA B 173 0.27 -16.39 21.55
N MET B 174 0.34 -15.19 20.97
CA MET B 174 1.63 -14.46 20.94
C MET B 174 1.84 -13.83 22.36
N SER B 175 0.65 -13.52 22.92
CA SER B 175 0.65 -12.91 24.25
C SER B 175 1.07 -13.99 25.23
N LYS B 176 0.45 -15.15 25.06
CA LYS B 176 0.77 -16.31 25.93
C LYS B 176 2.15 -16.83 25.71
N ARG B 177 2.53 -17.25 24.54
CA ARG B 177 3.85 -17.83 24.24
C ARG B 177 5.08 -17.02 24.18
N VAL B 178 5.06 -15.78 23.75
CA VAL B 178 6.22 -14.93 23.65
C VAL B 178 6.38 -13.83 24.66
N LEU B 179 5.46 -12.87 24.61
CA LEU B 179 5.51 -11.69 25.47
C LEU B 179 5.49 -11.98 26.93
N HIS B 180 4.64 -12.89 27.36
CA HIS B 180 4.57 -13.19 28.83
C HIS B 180 5.86 -13.85 29.23
N PRO B 181 6.15 -14.98 28.64
CA PRO B 181 7.39 -15.73 28.94
C PRO B 181 8.57 -14.83 29.16
N LEU B 182 8.93 -14.01 28.18
CA LEU B 182 9.97 -13.06 28.08
C LEU B 182 9.77 -11.72 28.80
N LYS B 183 8.70 -11.52 29.52
CA LYS B 183 8.45 -10.27 30.26
C LYS B 183 8.47 -9.01 29.42
N LEU B 184 7.68 -9.03 28.36
CA LEU B 184 7.54 -7.90 27.45
C LEU B 184 6.20 -7.26 27.85
N ALA B 185 6.21 -6.51 28.93
CA ALA B 185 5.04 -5.81 29.46
C ALA B 185 4.47 -4.68 28.60
N HIS B 186 5.29 -4.07 27.79
CA HIS B 186 4.94 -2.97 26.90
C HIS B 186 4.80 -3.30 25.45
N THR B 187 4.58 -4.57 25.08
CA THR B 187 4.43 -5.02 23.70
C THR B 187 3.00 -5.32 23.34
N TRP B 188 2.43 -4.66 22.30
CA TRP B 188 1.06 -4.85 21.93
C TRP B 188 0.72 -5.06 20.49
N ILE B 189 -0.36 -5.86 20.32
CA ILE B 189 -0.92 -6.11 18.96
C ILE B 189 -2.01 -4.98 19.01
N THR B 190 -2.82 -5.02 20.03
CA THR B 190 -3.89 -4.09 20.35
C THR B 190 -3.46 -3.20 21.50
N VAL B 191 -3.47 -1.89 21.38
CA VAL B 191 -3.01 -1.10 22.64
C VAL B 191 -4.19 -0.79 23.53
N PRO B 192 -4.03 -1.19 24.79
CA PRO B 192 -5.09 -1.01 25.82
C PRO B 192 -5.31 0.47 25.97
N GLN B 193 -6.56 0.85 26.25
CA GLN B 193 -6.92 2.26 26.44
C GLN B 193 -6.02 2.93 27.46
N SER B 194 -5.57 2.19 28.44
CA SER B 194 -4.67 2.67 29.50
C SER B 194 -3.27 2.98 28.99
N GLU B 195 -2.83 2.27 27.96
CA GLU B 195 -1.51 2.43 27.35
C GLU B 195 -1.44 3.50 26.26
N GLN B 196 -2.60 3.88 25.77
CA GLN B 196 -2.84 4.86 24.74
C GLN B 196 -2.11 6.18 24.81
N LYS B 197 -1.95 6.76 25.98
CA LYS B 197 -1.27 7.99 26.27
C LYS B 197 0.20 7.92 25.88
N ASP B 198 0.82 6.77 26.01
CA ASP B 198 2.24 6.49 25.68
C ASP B 198 2.50 6.13 24.19
N TYR B 199 1.42 5.86 23.51
CA TYR B 199 1.39 5.48 22.12
C TYR B 199 1.66 6.66 21.19
N ALA B 200 2.90 6.94 20.91
CA ALA B 200 3.36 7.97 20.01
C ALA B 200 2.50 8.07 18.73
N TRP B 201 2.70 9.20 18.09
CA TRP B 201 2.03 9.54 16.84
C TRP B 201 3.08 9.41 15.69
N GLY B 202 2.51 8.89 14.63
CA GLY B 202 3.27 8.67 13.38
C GLY B 202 3.10 10.00 12.57
N TYR B 203 4.21 10.38 11.97
CA TYR B 203 4.25 11.58 11.17
C TYR B 203 4.66 11.34 9.73
N ARG B 204 3.71 11.57 8.86
CA ARG B 204 3.80 11.42 7.39
C ARG B 204 3.47 12.76 6.78
N GLU B 205 4.25 13.28 5.88
CA GLU B 205 4.06 14.56 5.23
C GLU B 205 3.67 15.68 6.17
N GLY B 206 4.10 15.61 7.40
CA GLY B 206 3.86 16.56 8.46
C GLY B 206 2.57 16.35 9.21
N LYS B 207 2.00 15.18 9.04
CA LYS B 207 0.72 14.80 9.66
C LYS B 207 0.82 13.56 10.52
N PRO B 208 -0.05 13.58 11.54
CA PRO B 208 -0.12 12.46 12.53
C PRO B 208 -1.03 11.40 11.95
N VAL B 209 -0.55 10.19 11.94
CA VAL B 209 -1.25 9.02 11.43
C VAL B 209 -1.02 7.84 12.38
N HIS B 210 -1.85 6.87 12.22
CA HIS B 210 -1.83 5.59 12.97
C HIS B 210 -2.09 4.51 11.88
N VAL B 211 -1.47 3.37 12.02
CA VAL B 211 -1.66 2.25 11.08
C VAL B 211 -3.18 1.99 11.12
N SER B 212 -3.68 1.58 9.97
CA SER B 212 -5.10 1.27 9.76
C SER B 212 -5.29 -0.26 9.75
N PRO B 213 -6.51 -0.66 10.08
CA PRO B 213 -6.91 -2.04 10.09
C PRO B 213 -6.52 -2.60 8.72
N GLY B 214 -6.27 -3.89 8.72
CA GLY B 214 -5.89 -4.62 7.52
C GLY B 214 -6.08 -6.11 7.80
N GLN B 215 -6.12 -6.84 6.72
CA GLN B 215 -6.26 -8.33 6.90
C GLN B 215 -4.79 -8.83 6.90
N LEU B 216 -4.48 -9.52 7.95
CA LEU B 216 -3.12 -10.11 8.16
C LEU B 216 -2.22 -8.97 8.63
N ASP B 217 -2.83 -8.17 9.51
CA ASP B 217 -2.14 -6.99 10.07
C ASP B 217 -1.27 -7.43 11.21
N ALA B 218 -1.86 -7.94 12.28
CA ALA B 218 -1.14 -8.40 13.48
C ALA B 218 0.05 -9.30 13.23
N GLU B 219 -0.02 -10.15 12.22
CA GLU B 219 0.95 -11.10 11.79
C GLU B 219 2.11 -10.57 11.00
N ALA B 220 1.79 -9.62 10.14
CA ALA B 220 2.70 -8.94 9.23
C ALA B 220 3.31 -7.66 9.74
N TYR B 221 2.47 -6.76 10.26
CA TYR B 221 3.01 -5.47 10.73
C TYR B 221 2.42 -4.72 11.89
N GLY B 222 1.64 -5.28 12.77
CA GLY B 222 1.04 -4.66 13.87
C GLY B 222 1.58 -4.63 15.25
N VAL B 223 2.82 -5.03 15.52
CA VAL B 223 3.29 -4.97 16.93
C VAL B 223 3.78 -3.55 17.18
N LYS B 224 3.51 -3.07 18.39
CA LYS B 224 3.85 -1.76 18.92
C LYS B 224 4.67 -2.03 20.22
N SER B 225 5.87 -1.47 20.19
CA SER B 225 6.72 -1.68 21.39
C SER B 225 7.52 -0.40 21.63
N SER B 226 8.07 -0.41 22.83
CA SER B 226 8.92 0.59 23.41
C SER B 226 10.39 0.10 23.27
N VAL B 227 11.30 1.05 23.43
CA VAL B 227 12.70 0.84 23.33
C VAL B 227 13.19 -0.20 24.36
N ILE B 228 12.59 -0.19 25.55
CA ILE B 228 12.96 -1.11 26.60
C ILE B 228 12.56 -2.52 26.23
N ASP B 229 11.31 -2.68 25.78
CA ASP B 229 10.86 -4.05 25.39
C ASP B 229 11.73 -4.50 24.21
N MET B 230 11.95 -3.63 23.26
CA MET B 230 12.81 -4.01 22.12
C MET B 230 14.20 -4.36 22.54
N THR B 231 14.87 -3.77 23.51
CA THR B 231 16.22 -4.18 23.91
C THR B 231 16.11 -5.63 24.47
N ARG B 232 15.01 -5.88 25.16
CA ARG B 232 14.73 -7.18 25.75
C ARG B 232 14.68 -8.26 24.66
N TRP B 233 13.95 -7.95 23.62
CA TRP B 233 13.74 -8.82 22.44
C TRP B 233 15.05 -9.21 21.78
N VAL B 234 15.88 -8.24 21.47
CA VAL B 234 17.19 -8.41 20.83
C VAL B 234 18.04 -9.29 21.80
N GLN B 235 17.98 -8.97 23.11
CA GLN B 235 18.74 -9.69 24.10
C GLN B 235 18.38 -11.16 24.18
N ALA B 236 17.10 -11.48 24.12
CA ALA B 236 16.60 -12.83 24.17
C ALA B 236 17.12 -13.58 22.92
N ASN B 237 17.01 -12.94 21.81
CA ASN B 237 17.38 -13.37 20.49
C ASN B 237 18.88 -13.49 20.24
N MET B 238 19.68 -12.63 20.83
CA MET B 238 21.13 -12.66 20.65
C MET B 238 21.67 -13.89 21.34
N ASP B 239 21.05 -14.32 22.44
CA ASP B 239 21.46 -15.48 23.20
C ASP B 239 20.26 -16.07 23.87
N ALA B 240 19.60 -17.03 23.32
CA ALA B 240 18.42 -17.67 23.89
C ALA B 240 18.64 -18.48 25.14
N SER B 241 19.88 -18.63 25.56
CA SER B 241 20.20 -19.41 26.77
C SER B 241 19.51 -18.90 28.01
N GLN B 242 19.40 -17.60 28.18
CA GLN B 242 18.76 -16.99 29.33
C GLN B 242 17.28 -17.35 29.48
N VAL B 243 16.65 -17.56 28.31
CA VAL B 243 15.18 -17.89 28.40
C VAL B 243 15.14 -19.31 28.96
N GLN B 244 14.25 -19.45 29.92
CA GLN B 244 14.05 -20.70 30.66
C GLN B 244 12.95 -21.55 30.08
N GLU B 245 12.15 -20.94 29.27
CA GLU B 245 10.99 -21.61 28.59
C GLU B 245 11.51 -22.47 27.46
N LYS B 246 11.72 -23.75 27.70
CA LYS B 246 12.22 -24.73 26.77
C LYS B 246 11.72 -24.62 25.33
N THR B 247 10.43 -24.66 25.07
CA THR B 247 9.96 -24.53 23.70
C THR B 247 10.19 -23.14 23.11
N LEU B 248 10.19 -22.07 23.89
CA LEU B 248 10.39 -20.71 23.46
C LEU B 248 11.79 -20.48 22.87
N GLN B 249 12.74 -20.99 23.61
CA GLN B 249 14.18 -20.93 23.32
C GLN B 249 14.51 -21.63 22.02
N GLN B 250 13.83 -22.78 21.80
CA GLN B 250 14.11 -23.52 20.53
C GLN B 250 13.51 -22.65 19.42
N GLY B 251 12.26 -22.31 19.57
CA GLY B 251 11.56 -21.42 18.60
C GLY B 251 12.53 -20.26 18.29
N ILE B 252 12.96 -19.57 19.35
CA ILE B 252 13.91 -18.47 19.16
C ILE B 252 15.04 -18.99 18.23
N GLU B 253 15.80 -19.99 18.71
CA GLU B 253 16.88 -20.57 17.93
C GLU B 253 16.59 -21.02 16.52
N LEU B 254 15.49 -21.60 16.19
CA LEU B 254 15.07 -22.02 14.87
C LEU B 254 14.83 -20.80 13.94
N ALA B 255 14.17 -19.81 14.49
CA ALA B 255 13.86 -18.52 13.80
C ALA B 255 15.09 -17.92 13.13
N GLN B 256 16.27 -18.19 13.67
CA GLN B 256 17.58 -17.80 13.33
C GLN B 256 18.38 -18.81 12.53
N SER B 257 17.75 -19.85 12.06
CA SER B 257 18.41 -20.88 11.22
C SER B 257 18.34 -20.38 9.78
N ARG B 258 19.19 -20.85 8.90
CA ARG B 258 19.14 -20.39 7.48
C ARG B 258 18.34 -21.33 6.66
N TYR B 259 17.24 -20.89 6.10
CA TYR B 259 16.35 -21.69 5.26
C TYR B 259 16.42 -21.49 3.75
N TRP B 260 17.03 -20.43 3.30
CA TRP B 260 17.15 -20.03 1.91
C TRP B 260 18.32 -19.06 1.82
N ARG B 261 18.93 -19.03 0.67
CA ARG B 261 20.05 -18.13 0.41
C ARG B 261 19.61 -17.34 -0.84
N ILE B 262 19.76 -16.03 -0.64
CA ILE B 262 19.47 -15.05 -1.69
C ILE B 262 20.71 -14.16 -1.79
N GLY B 263 21.76 -14.68 -2.33
CA GLY B 263 23.05 -14.01 -2.55
C GLY B 263 23.89 -14.07 -1.28
N ASP B 264 23.98 -12.91 -0.66
CA ASP B 264 24.75 -12.66 0.56
C ASP B 264 23.83 -12.70 1.82
N MET B 265 22.57 -12.76 1.61
CA MET B 265 21.54 -12.79 2.63
C MET B 265 20.99 -14.20 2.76
N TYR B 266 20.55 -14.57 3.91
CA TYR B 266 19.98 -15.79 4.35
C TYR B 266 18.60 -15.53 4.98
N GLN B 267 17.60 -16.26 4.63
CA GLN B 267 16.28 -16.10 5.16
C GLN B 267 16.12 -16.97 6.45
N GLY B 268 15.71 -16.21 7.47
CA GLY B 268 15.45 -16.85 8.79
C GLY B 268 13.87 -16.89 8.82
N LEU B 269 13.42 -16.99 10.05
CA LEU B 269 11.92 -16.96 10.26
C LEU B 269 11.78 -15.50 10.68
N GLY B 270 11.44 -14.65 9.73
CA GLY B 270 11.28 -13.18 10.02
C GLY B 270 12.62 -12.44 9.88
N TRP B 271 13.48 -12.80 10.83
CA TRP B 271 14.83 -12.26 10.89
C TRP B 271 15.39 -12.52 9.50
N GLU B 272 16.43 -11.87 9.18
CA GLU B 272 17.20 -11.91 7.94
C GLU B 272 18.62 -11.84 8.52
N MET B 273 19.53 -12.45 7.80
CA MET B 273 20.90 -12.58 8.18
C MET B 273 21.91 -12.62 7.09
N LEU B 274 23.09 -12.16 7.39
CA LEU B 274 24.27 -12.15 6.52
C LEU B 274 25.43 -12.64 7.42
N ASN B 275 26.44 -13.17 6.79
CA ASN B 275 27.66 -13.66 7.47
C ASN B 275 28.46 -12.49 8.02
N TRP B 276 28.94 -12.72 9.25
CA TRP B 276 29.72 -11.66 9.94
C TRP B 276 31.19 -12.06 9.85
N PRO B 277 32.05 -11.11 9.53
CA PRO B 277 31.78 -9.72 9.26
C PRO B 277 31.12 -9.48 7.93
N VAL B 278 30.48 -8.26 7.85
CA VAL B 278 29.70 -7.76 6.73
C VAL B 278 30.24 -6.43 6.27
N LYS B 279 30.12 -6.24 4.90
CA LYS B 279 30.46 -5.07 4.09
C LYS B 279 29.28 -4.14 4.15
N ALA B 280 29.46 -2.89 4.48
CA ALA B 280 28.41 -1.87 4.60
C ALA B 280 27.52 -1.85 3.36
N ASP B 281 28.15 -1.65 2.20
CA ASP B 281 27.39 -1.65 0.96
C ASP B 281 26.36 -2.80 0.96
N SER B 282 26.66 -3.99 1.41
CA SER B 282 25.75 -5.12 1.41
C SER B 282 24.39 -4.83 2.07
N ILE B 283 24.52 -4.52 3.36
CA ILE B 283 23.33 -4.21 4.18
C ILE B 283 22.75 -2.90 3.76
N ILE B 284 23.55 -1.92 3.31
CA ILE B 284 22.85 -0.62 2.96
C ILE B 284 22.07 -0.78 1.67
N SER B 285 22.75 -1.26 0.65
CA SER B 285 22.21 -1.55 -0.65
C SER B 285 20.99 -2.47 -0.66
N GLY B 286 21.03 -3.47 0.24
CA GLY B 286 20.04 -4.49 0.40
C GLY B 286 18.72 -4.06 0.98
N SER B 287 18.80 -3.04 1.76
CA SER B 287 17.80 -2.35 2.53
C SER B 287 16.84 -1.59 1.60
N ASP B 288 17.51 -1.08 0.57
CA ASP B 288 16.90 -0.31 -0.49
C ASP B 288 15.86 -1.21 -1.18
N SER B 289 14.69 -0.66 -1.30
CA SER B 289 13.47 -1.17 -1.92
C SER B 289 13.81 -1.75 -3.29
N LYS B 290 14.79 -1.18 -3.94
CA LYS B 290 15.31 -1.64 -5.24
C LYS B 290 15.65 -3.15 -5.19
N VAL B 291 16.24 -3.61 -4.10
CA VAL B 291 16.62 -4.97 -3.85
C VAL B 291 15.58 -5.57 -2.88
N ALA B 292 15.39 -4.87 -1.78
CA ALA B 292 14.51 -5.24 -0.71
C ALA B 292 13.20 -5.84 -1.18
N LEU B 293 12.59 -5.19 -2.15
CA LEU B 293 11.31 -5.58 -2.73
C LEU B 293 11.32 -6.37 -3.98
N ALA B 294 12.42 -6.77 -4.55
CA ALA B 294 12.47 -7.54 -5.82
C ALA B 294 12.42 -9.03 -5.76
N ALA B 295 11.96 -9.63 -6.88
CA ALA B 295 11.88 -11.14 -6.98
C ALA B 295 13.35 -11.59 -7.27
N LEU B 296 13.90 -12.27 -6.30
CA LEU B 296 15.30 -12.74 -6.43
C LEU B 296 15.24 -14.25 -6.24
N PRO B 297 15.96 -14.95 -7.09
CA PRO B 297 16.00 -16.43 -7.03
C PRO B 297 16.54 -16.85 -5.68
N ALA B 298 15.86 -17.76 -5.08
CA ALA B 298 16.03 -18.40 -3.84
C ALA B 298 16.67 -19.79 -3.94
N VAL B 299 17.74 -20.02 -3.19
CA VAL B 299 18.43 -21.31 -3.15
C VAL B 299 18.18 -21.96 -1.81
N GLU B 300 17.59 -23.11 -1.77
CA GLU B 300 17.24 -23.81 -0.54
C GLU B 300 18.34 -24.22 0.37
N VAL B 301 18.06 -24.22 1.66
CA VAL B 301 19.00 -24.64 2.73
C VAL B 301 18.10 -25.70 3.45
N ASN B 302 18.42 -26.94 3.09
CA ASN B 302 17.74 -28.15 3.56
C ASN B 302 18.59 -29.34 3.92
N PRO B 303 18.58 -29.77 5.16
CA PRO B 303 17.85 -29.19 6.30
C PRO B 303 18.41 -27.81 6.58
N PRO B 304 17.60 -26.95 7.15
CA PRO B 304 18.04 -25.57 7.49
C PRO B 304 19.37 -25.54 8.20
N ALA B 305 20.24 -24.56 7.93
CA ALA B 305 21.54 -24.55 8.67
C ALA B 305 21.18 -23.98 10.08
N PRO B 306 21.82 -24.55 11.08
CA PRO B 306 21.63 -24.12 12.45
C PRO B 306 22.16 -22.68 12.46
N ALA B 307 21.93 -22.02 13.56
CA ALA B 307 22.38 -20.64 13.75
C ALA B 307 23.86 -20.63 14.10
N VAL B 308 24.53 -19.57 13.63
CA VAL B 308 25.94 -19.31 13.84
C VAL B 308 26.13 -17.90 14.45
N LYS B 309 27.10 -17.77 15.33
CA LYS B 309 27.56 -16.64 16.07
C LYS B 309 27.99 -15.46 15.20
N ALA B 310 28.78 -15.82 14.21
CA ALA B 310 29.32 -14.81 13.24
C ALA B 310 28.24 -14.54 12.19
N SER B 311 27.29 -13.70 12.60
CA SER B 311 26.17 -13.32 11.79
C SER B 311 25.67 -11.90 12.05
N TRP B 312 25.11 -11.29 11.04
CA TRP B 312 24.54 -9.94 11.25
C TRP B 312 23.06 -10.23 11.01
N VAL B 313 22.33 -10.32 12.10
CA VAL B 313 20.90 -10.62 12.15
C VAL B 313 20.20 -9.27 12.37
N HIS B 314 19.23 -9.03 11.46
CA HIS B 314 18.50 -7.77 11.57
C HIS B 314 17.15 -7.79 10.88
N LYS B 315 16.46 -6.67 11.05
CA LYS B 315 15.15 -6.49 10.39
C LYS B 315 14.77 -5.02 10.33
N THR B 316 14.41 -4.59 9.15
CA THR B 316 13.97 -3.20 8.92
C THR B 316 12.44 -3.31 9.02
N GLY B 317 11.71 -2.27 9.12
CA GLY B 317 10.29 -2.12 9.20
C GLY B 317 9.81 -0.69 8.88
N SER B 318 8.60 -0.59 8.29
CA SER B 318 7.95 0.67 7.94
C SER B 318 6.42 0.69 8.07
N THR B 319 5.90 1.91 7.91
CA THR B 319 4.53 2.33 7.95
C THR B 319 4.36 3.72 7.26
N GLY B 320 3.16 4.21 7.48
CA GLY B 320 2.74 5.56 6.96
C GLY B 320 3.60 6.58 7.77
N GLY B 321 3.42 6.48 9.09
CA GLY B 321 4.12 7.28 10.04
C GLY B 321 5.34 6.77 10.74
N PHE B 322 5.80 5.50 10.58
CA PHE B 322 7.01 5.13 11.37
C PHE B 322 8.03 4.31 10.58
N GLY B 323 9.20 4.27 11.18
CA GLY B 323 10.37 3.51 10.64
C GLY B 323 11.20 2.94 11.78
N SER B 324 11.42 1.61 11.75
CA SER B 324 12.22 0.97 12.83
C SER B 324 13.37 0.17 12.23
N TYR B 325 14.36 -0.14 13.09
CA TYR B 325 15.55 -0.89 12.79
C TYR B 325 16.11 -1.52 14.12
N VAL B 326 16.45 -2.78 13.92
CA VAL B 326 16.96 -3.71 14.87
C VAL B 326 17.98 -4.67 14.24
N ALA B 327 19.19 -4.59 14.78
CA ALA B 327 20.32 -5.39 14.34
C ALA B 327 21.10 -5.92 15.55
N PHE B 328 21.63 -7.15 15.30
CA PHE B 328 22.46 -7.82 16.29
C PHE B 328 23.46 -8.79 15.59
N VAL B 329 24.58 -8.88 16.30
CA VAL B 329 25.76 -9.68 15.97
C VAL B 329 26.16 -10.59 17.15
N PRO B 330 25.56 -11.77 17.23
CA PRO B 330 25.79 -12.74 18.28
C PRO B 330 27.25 -12.91 18.66
N GLU B 331 28.12 -12.98 17.69
CA GLU B 331 29.53 -13.14 17.87
C GLU B 331 30.05 -12.16 18.92
N LYS B 332 29.75 -10.89 18.72
CA LYS B 332 30.20 -9.85 19.64
C LYS B 332 29.22 -9.41 20.70
N ASN B 333 28.09 -10.04 20.83
CA ASN B 333 27.09 -9.58 21.90
C ASN B 333 26.86 -8.11 21.53
N LEU B 334 26.38 -7.88 20.32
CA LEU B 334 26.16 -6.47 19.89
C LEU B 334 24.89 -6.37 19.07
N GLY B 335 24.17 -5.30 19.31
CA GLY B 335 22.92 -4.91 18.70
C GLY B 335 22.64 -3.41 18.98
N ILE B 336 21.59 -3.00 18.28
CA ILE B 336 21.04 -1.64 18.28
C ILE B 336 19.55 -1.68 17.97
N VAL B 337 18.81 -0.87 18.59
CA VAL B 337 17.35 -0.76 18.41
C VAL B 337 17.13 0.69 17.94
N MET B 338 16.56 0.82 16.78
CA MET B 338 16.29 2.18 16.24
C MET B 338 14.77 2.30 16.02
N LEU B 339 14.20 3.20 16.79
CA LEU B 339 12.78 3.52 16.76
C LEU B 339 12.65 5.04 16.43
N ALA B 340 11.89 5.31 15.38
CA ALA B 340 11.64 6.70 14.94
C ALA B 340 10.19 6.85 14.52
N ASN B 341 9.51 7.98 14.90
CA ASN B 341 8.08 8.17 14.49
C ASN B 341 7.91 9.00 13.21
N LYS B 342 8.78 8.80 12.26
CA LYS B 342 8.90 9.34 10.97
C LYS B 342 9.49 8.24 10.03
N SER B 343 8.78 7.96 8.97
CA SER B 343 9.11 7.01 7.94
C SER B 343 10.10 7.49 6.89
N TYR B 344 11.38 7.23 7.10
CA TYR B 344 12.44 7.65 6.12
C TYR B 344 12.93 6.40 5.42
N PRO B 345 13.68 6.54 4.38
CA PRO B 345 14.22 5.44 3.60
C PRO B 345 15.01 4.42 4.40
N ASN B 346 14.72 3.15 4.09
CA ASN B 346 15.44 2.06 4.77
C ASN B 346 16.94 2.19 4.84
N PRO B 347 17.66 2.41 3.79
CA PRO B 347 19.13 2.50 3.79
C PRO B 347 19.63 3.60 4.68
N VAL B 348 18.72 4.57 4.82
CA VAL B 348 18.98 5.76 5.65
C VAL B 348 19.19 5.30 7.09
N ARG B 349 18.32 4.38 7.56
CA ARG B 349 18.42 3.84 8.91
C ARG B 349 19.64 2.97 9.19
N VAL B 350 19.74 2.02 8.28
CA VAL B 350 20.80 1.01 8.25
C VAL B 350 22.14 1.70 8.24
N GLU B 351 22.34 2.73 7.42
CA GLU B 351 23.63 3.44 7.39
C GLU B 351 23.88 4.15 8.74
N ALA B 352 22.82 4.69 9.31
CA ALA B 352 22.93 5.36 10.63
C ALA B 352 23.46 4.31 11.64
N ALA B 353 22.81 3.13 11.56
CA ALA B 353 23.08 1.98 12.38
C ALA B 353 24.55 1.53 12.30
N TRP B 354 24.91 1.29 11.05
CA TRP B 354 26.25 0.85 10.70
C TRP B 354 27.27 1.84 11.26
N ARG B 355 27.05 3.13 10.96
CA ARG B 355 28.00 4.18 11.45
C ARG B 355 28.30 4.08 12.91
N ILE B 356 27.38 3.79 13.76
CA ILE B 356 27.53 3.65 15.19
C ILE B 356 28.15 2.31 15.66
N LEU B 357 27.57 1.23 15.16
CA LEU B 357 27.95 -0.11 15.49
C LEU B 357 29.41 -0.30 15.06
N GLU B 358 29.75 0.13 13.86
CA GLU B 358 31.09 0.03 13.32
C GLU B 358 32.21 0.32 14.32
N LYS B 359 32.02 1.40 15.06
CA LYS B 359 32.96 1.85 16.07
C LYS B 359 33.06 0.94 17.28
N LEU B 360 32.05 0.16 17.59
CA LEU B 360 32.01 -0.75 18.72
C LEU B 360 32.40 -2.18 18.36
N GLN B 361 32.03 -2.60 17.21
CA GLN B 361 32.21 -3.86 16.53
C GLN B 361 33.59 -4.51 16.72
C7 AZR C . -4.60 0.28 -7.59
S8 AZR C . -4.55 5.06 -1.17
O9 AZR C . -8.21 3.19 -6.72
O10 AZR C . -3.63 2.31 -5.56
O11 AZR C . -5.91 -0.15 -3.72
N12 AZR C . -6.63 0.96 -8.90
N13 AZR C . -5.86 2.08 -5.40
N14 AZR C . -5.31 0.80 -2.90
N15 AZR C . -5.36 2.74 -1.18
N16 AZR C . -5.83 3.91 0.85
S17 AZR C . -8.24 0.43 -8.94
C18 AZR C . -5.91 1.04 -7.64
C19 AZR C . -6.02 2.31 -6.85
C20 AZR C . -7.10 3.24 -7.24
C21 AZR C . -4.62 2.09 -4.85
C22 AZR C . -4.71 1.81 -3.40
C23 AZR C . -5.39 -1.47 -3.56
C24 AZR C . -4.75 2.92 -2.39
C25 AZR C . -4.23 4.17 -2.57
C26 AZR C . -5.32 3.80 -0.41
C27 AZR C . -6.51 -2.44 -3.23
C28 AZR C . -4.88 -1.94 -4.93
C29 AZR C . -4.28 -1.31 -2.51
O30 AZR C . -3.24 -0.63 -2.75
O31 AZR C . -4.28 -1.82 -1.39
O32 AZR C . -8.91 1.43 -9.96
O33 AZR C . -8.83 0.40 -7.54
O34 AZR C . -8.23 -1.01 -9.59
C7 AZR D . 7.44 -3.40 2.89
S8 AZR D . 0.42 -1.42 7.19
O9 AZR D . 7.26 -2.82 7.45
O10 AZR D . 3.95 -3.30 4.01
O11 AZR D . 5.58 -0.38 4.09
N12 AZR D . 8.98 -4.18 4.68
N13 AZR D . 5.64 -2.50 5.36
N14 AZR D . 4.24 -0.09 4.30
N15 AZR D . 1.83 0.18 5.98
N16 AZR D . 0.04 1.25 7.09
S17 AZR D . 10.36 -3.29 5.01
C18 AZR D . 7.70 -3.48 4.34
C19 AZR D . 6.55 -3.69 5.35
C20 AZR D . 7.13 -3.81 6.75
C21 AZR D . 4.42 -2.41 4.71
C22 AZR D . 3.64 -1.12 4.85
C23 AZR D . 6.26 0.38 3.12
C24 AZR D . 2.42 -1.04 5.71
C25 AZR D . 1.75 -2.05 6.32
C26 AZR D . 0.78 0.15 6.73
C27 AZR D . 5.64 1.77 2.99
C28 AZR D . 7.64 0.70 3.67
C29 AZR D . 6.23 -0.41 1.80
O30 AZR D . 7.20 -1.07 1.39
O31 AZR D . 5.20 -0.39 1.09
O32 AZR D . 11.40 -4.07 5.80
O33 AZR D . 9.96 -1.99 5.83
O34 AZR D . 10.88 -2.82 3.60
#